data_9BJ1
#
_entry.id   9BJ1
#
_cell.length_a   51.483
_cell.length_b   56.998
_cell.length_c   61.527
_cell.angle_alpha   86.670
_cell.angle_beta   85.370
_cell.angle_gamma   66.700
#
_symmetry.space_group_name_H-M   'P 1'
#
loop_
_entity.id
_entity.type
_entity.pdbx_description
1 polymer 'Mitogen-activated protein kinase kinase kinase kinase 1'
2 non-polymer '2-(N-MORPHOLINO)-ETHANESULFONIC ACID'
3 non-polymer 1,2-ETHANEDIOL
4 non-polymer 'DIMETHYL SULFOXIDE'
5 non-polymer (9S)-2-{[(6P)-8-amino-6-(5-amino-4-methylpyridin-3-yl)-7-fluoroisoquinolin-3-yl]amino}-6-methyl-5,6-dihydro-4H-pyrazolo[1,5-d][1,4]diazepin-7(8H)-one
6 non-polymer 'SODIUM ION'
7 non-polymer DI(HYDROXYETHYL)ETHER
8 non-polymer (4S,5R,7R,11aP)-10-{[(3R)-3-hydroxy-1-methyl-2-oxopyrrolidin-3-yl]ethynyl}-N~3~-methyl-6,7-dihydro-5H-5,7-methanoimidazo[2,1-a][2]benzazepine-2,3-dicarboxamide
9 water water
#
_entity_poly.entity_id   1
_entity_poly.type   'polypeptide(L)'
_entity_poly.pdbx_seq_one_letter_code
;MHHHHHHGENLYFQGSDVVDPDIFNRDPRDHYDLLQRLGGGTYGEVFKARDKVSGDLVALKMVKMEPDDDVSTLQKEILI
LKTCRHANIVAYHGSYLWLQKLWICMEFCGAGSLQDIYQVTGSLSELQISYVCREVLQGLAYLHSQKKIHRDIKGANILI
NDAGEVRLADFGISAQIGAELARRLEFIGTPYWMAPEVAAVALKGGYNELCDIWSLGITAIELAELQPPLFDVHPLRVLF
LMTKSGYQPPRLKEKGKWSAAFHNFIKVTLTKSPKKRPSATKMLSHQLVSQPGLNRGLILDLLDKLKNGNS
;
_entity_poly.pdbx_strand_id   A,B
#
loop_
_chem_comp.id
_chem_comp.type
_chem_comp.name
_chem_comp.formula
A1APQ non-polymer (4S,5R,7R,11aP)-10-{[(3R)-3-hydroxy-1-methyl-2-oxopyrrolidin-3-yl]ethynyl}-N~3~-methyl-6,7-dihydro-5H-5,7-methanoimidazo[2,1-a][2]benzazepine-2,3-dicarboxamide 'C23 H23 N5 O4'
A1APR non-polymer (9S)-2-{[(6P)-8-amino-6-(5-amino-4-methylpyridin-3-yl)-7-fluoroisoquinolin-3-yl]amino}-6-methyl-5,6-dihydro-4H-pyrazolo[1,5-d][1,4]diazepin-7(8H)-one 'C23 H23 F N8 O'
DMS non-polymer 'DIMETHYL SULFOXIDE' 'C2 H6 O S'
EDO non-polymer 1,2-ETHANEDIOL 'C2 H6 O2'
MES non-polymer '2-(N-MORPHOLINO)-ETHANESULFONIC ACID' 'C6 H13 N O4 S'
NA non-polymer 'SODIUM ION' 'Na 1'
PEG non-polymer DI(HYDROXYETHYL)ETHER 'C4 H10 O3'
#
# COMPACT_ATOMS: atom_id res chain seq x y z
N VAL A 18 -12.50 19.64 6.95
CA VAL A 18 -11.94 20.38 8.08
C VAL A 18 -10.69 19.67 8.58
N VAL A 19 -9.66 20.45 8.91
CA VAL A 19 -8.39 19.87 9.35
C VAL A 19 -8.48 19.39 10.79
N ASP A 20 -9.24 20.09 11.65
CA ASP A 20 -9.40 19.71 13.04
C ASP A 20 -10.42 20.64 13.69
N PRO A 21 -11.48 20.10 14.31
CA PRO A 21 -12.51 20.98 14.87
C PRO A 21 -12.00 21.95 15.93
N ASP A 22 -10.87 21.65 16.57
CA ASP A 22 -10.34 22.46 17.66
C ASP A 22 -9.29 23.46 17.20
N ILE A 23 -9.14 23.65 15.88
CA ILE A 23 -8.13 24.58 15.38
C ILE A 23 -8.37 25.97 15.98
N PHE A 24 -7.28 26.69 16.21
CA PHE A 24 -7.34 28.10 16.55
C PHE A 24 -7.21 28.91 15.27
N ASN A 25 -8.29 29.62 14.91
CA ASN A 25 -8.30 30.43 13.69
C ASN A 25 -7.73 31.82 13.98
N ARG A 26 -6.42 31.83 14.24
CA ARG A 26 -5.69 33.05 14.53
C ARG A 26 -4.22 32.78 14.25
N ASP A 27 -3.47 33.85 14.10
CA ASP A 27 -2.04 33.69 13.85
C ASP A 27 -1.32 33.42 15.17
N PRO A 28 -0.55 32.34 15.27
CA PRO A 28 0.15 32.06 16.54
C PRO A 28 1.13 33.13 16.92
N ARG A 29 1.60 33.95 15.96
CA ARG A 29 2.53 35.01 16.28
C ARG A 29 1.86 36.16 17.02
N ASP A 30 0.53 36.13 17.17
CA ASP A 30 -0.11 37.01 18.14
C ASP A 30 0.38 36.70 19.55
N HIS A 31 0.72 35.44 19.82
CA HIS A 31 1.04 34.99 21.17
C HIS A 31 2.49 34.59 21.34
N TYR A 32 3.20 34.23 20.27
CA TYR A 32 4.55 33.71 20.37
C TYR A 32 5.51 34.51 19.51
N ASP A 33 6.76 34.54 19.95
CA ASP A 33 7.87 35.04 19.14
C ASP A 33 8.68 33.85 18.63
N LEU A 34 8.94 33.83 17.32
CA LEU A 34 9.75 32.78 16.74
C LEU A 34 11.22 33.06 17.02
N LEU A 35 11.93 32.08 17.60
CA LEU A 35 13.30 32.28 18.06
C LEU A 35 14.33 31.62 17.14
N GLN A 36 14.13 30.36 16.75
CA GLN A 36 15.05 29.71 15.83
C GLN A 36 14.38 28.49 15.23
N ARG A 37 14.83 28.11 14.03
CA ARG A 37 14.41 26.86 13.42
C ARG A 37 15.18 25.70 14.03
N LEU A 38 14.51 24.54 14.07
CA LEU A 38 15.04 23.34 14.71
C LEU A 38 15.08 22.19 13.71
N GLY A 39 16.15 21.40 13.76
CA GLY A 39 16.35 20.28 12.88
C GLY A 39 17.19 20.58 11.66
N GLY A 40 17.39 21.84 11.32
CA GLY A 40 18.10 22.18 10.09
C GLY A 40 17.53 21.51 8.87
N GLY A 41 16.20 21.45 8.78
CA GLY A 41 15.52 20.78 7.70
C GLY A 41 15.22 19.32 7.93
N THR A 42 15.91 18.68 8.87
CA THR A 42 15.65 17.28 9.17
C THR A 42 14.23 17.11 9.69
N TYR A 43 13.87 17.85 10.74
CA TYR A 43 12.52 17.81 11.29
C TYR A 43 11.52 18.67 10.51
N GLY A 44 11.94 19.25 9.39
CA GLY A 44 11.07 20.20 8.71
C GLY A 44 11.14 21.58 9.33
N GLU A 45 10.03 22.31 9.21
CA GLU A 45 9.97 23.70 9.65
C GLU A 45 9.45 23.81 11.09
N VAL A 46 10.18 23.18 12.01
CA VAL A 46 9.91 23.30 13.44
C VAL A 46 10.66 24.53 13.96
N PHE A 47 9.99 25.29 14.82
CA PHE A 47 10.57 26.51 15.38
C PHE A 47 10.44 26.50 16.91
N LYS A 48 11.54 26.79 17.60
CA LYS A 48 11.44 27.21 19.00
C LYS A 48 10.70 28.53 19.06
N ALA A 49 9.70 28.61 19.94
CA ALA A 49 8.87 29.80 20.05
C ALA A 49 8.66 30.14 21.51
N ARG A 50 8.59 31.44 21.81
CA ARG A 50 8.43 31.92 23.18
C ARG A 50 7.12 32.68 23.31
N ASP A 51 6.34 32.33 24.34
CA ASP A 51 5.13 33.07 24.67
C ASP A 51 5.45 34.53 24.91
N LYS A 52 4.77 35.41 24.17
CA LYS A 52 5.04 36.85 24.27
C LYS A 52 4.80 37.37 25.69
N VAL A 53 3.94 36.71 26.46
CA VAL A 53 3.52 37.20 27.76
C VAL A 53 4.19 36.43 28.89
N SER A 54 4.07 35.10 28.88
CA SER A 54 4.56 34.29 29.99
C SER A 54 6.02 33.88 29.85
N GLY A 55 6.58 33.99 28.66
CA GLY A 55 7.92 33.49 28.42
C GLY A 55 8.04 32.00 28.23
N ASP A 56 6.93 31.26 28.36
CA ASP A 56 6.97 29.82 28.18
C ASP A 56 7.42 29.48 26.77
N LEU A 57 8.23 28.43 26.66
CA LEU A 57 8.72 27.95 25.38
C LEU A 57 7.83 26.83 24.86
N VAL A 58 7.62 26.82 23.55
CA VAL A 58 6.93 25.73 22.88
C VAL A 58 7.68 25.43 21.58
N ALA A 59 7.27 24.35 20.90
CA ALA A 59 7.68 24.06 19.54
C ALA A 59 6.49 24.25 18.62
N LEU A 60 6.67 25.07 17.58
CA LEU A 60 5.66 25.28 16.55
C LEU A 60 6.16 24.65 15.26
N LYS A 61 5.44 23.65 14.77
CA LYS A 61 5.75 23.01 13.50
C LYS A 61 4.82 23.59 12.44
N MET A 62 5.40 24.31 11.48
CA MET A 62 4.63 25.01 10.46
C MET A 62 4.51 24.13 9.21
N VAL A 63 3.29 24.02 8.71
CA VAL A 63 3.01 23.32 7.46
C VAL A 63 2.25 24.25 6.54
N LYS A 64 2.76 24.44 5.32
CA LYS A 64 2.11 25.32 4.36
C LYS A 64 0.88 24.65 3.78
N MET A 65 -0.17 25.44 3.58
CA MET A 65 -1.42 24.93 3.02
C MET A 65 -1.90 25.84 1.88
N GLU A 66 -2.72 25.27 1.02
CA GLU A 66 -3.36 25.98 -0.07
C GLU A 66 -4.84 25.63 -0.06
N PRO A 67 -5.65 26.19 -0.97
CA PRO A 67 -6.99 25.60 -1.19
C PRO A 67 -6.92 24.25 -1.88
N ASP A 68 -5.99 24.08 -2.82
CA ASP A 68 -5.88 22.85 -3.59
C ASP A 68 -5.17 21.73 -2.82
N ASP A 69 -4.51 22.05 -1.72
CA ASP A 69 -3.72 21.05 -1.00
C ASP A 69 -4.62 20.01 -0.34
N ASP A 70 -4.22 18.74 -0.44
CA ASP A 70 -4.92 17.65 0.24
C ASP A 70 -4.52 17.68 1.71
N VAL A 71 -5.52 17.79 2.59
CA VAL A 71 -5.28 17.95 4.02
C VAL A 71 -5.41 16.62 4.77
N SER A 72 -5.58 15.50 4.05
CA SER A 72 -5.88 14.24 4.71
C SER A 72 -4.78 13.86 5.70
N THR A 73 -3.52 13.89 5.26
CA THR A 73 -2.42 13.48 6.13
C THR A 73 -2.36 14.35 7.38
N LEU A 74 -2.37 15.66 7.21
CA LEU A 74 -2.34 16.56 8.37
C LEU A 74 -3.51 16.28 9.31
N GLN A 75 -4.73 16.18 8.76
CA GLN A 75 -5.89 15.84 9.57
C GLN A 75 -5.64 14.59 10.41
N LYS A 76 -5.09 13.56 9.79
CA LYS A 76 -4.80 12.33 10.53
C LYS A 76 -3.73 12.56 11.58
N GLU A 77 -2.72 13.38 11.26
CA GLU A 77 -1.63 13.62 12.20
C GLU A 77 -2.13 14.30 13.46
N ILE A 78 -2.98 15.32 13.31
CA ILE A 78 -3.53 16.01 14.47
C ILE A 78 -4.46 15.10 15.25
N LEU A 79 -5.30 14.34 14.54
CA LEU A 79 -6.18 13.40 15.23
C LEU A 79 -5.37 12.44 16.10
N ILE A 80 -4.25 11.95 15.58
CA ILE A 80 -3.36 11.10 16.37
C ILE A 80 -2.87 11.86 17.61
N LEU A 81 -2.41 13.09 17.41
CA LEU A 81 -1.76 13.82 18.50
C LEU A 81 -2.75 14.12 19.62
N LYS A 82 -3.95 14.59 19.27
CA LYS A 82 -4.89 15.03 20.29
C LYS A 82 -5.63 13.87 20.97
N THR A 83 -5.68 12.70 20.35
CA THR A 83 -6.36 11.56 20.93
C THR A 83 -5.43 10.59 21.63
N CYS A 84 -4.12 10.76 21.49
CA CYS A 84 -3.14 9.83 22.04
C CYS A 84 -2.26 10.57 23.05
N ARG A 85 -2.83 10.93 24.19
CA ARG A 85 -2.11 11.63 25.24
C ARG A 85 -1.52 10.62 26.22
N HIS A 86 -0.19 10.59 26.34
CA HIS A 86 0.50 9.61 27.14
C HIS A 86 1.82 10.19 27.61
N ALA A 87 2.29 9.68 28.75
CA ALA A 87 3.51 10.19 29.36
C ALA A 87 4.71 10.10 28.42
N ASN A 88 4.69 9.14 27.50
CA ASN A 88 5.80 8.94 26.58
C ASN A 88 5.51 9.37 25.15
N ILE A 89 4.56 10.30 24.97
CA ILE A 89 4.29 10.93 23.68
C ILE A 89 4.44 12.45 23.86
N VAL A 90 5.11 13.08 22.90
CA VAL A 90 5.32 14.53 22.96
C VAL A 90 3.98 15.23 23.19
N ALA A 91 3.98 16.20 24.11
CA ALA A 91 2.76 16.88 24.47
C ALA A 91 2.30 17.84 23.37
N TYR A 92 0.99 17.89 23.16
CA TYR A 92 0.37 18.65 22.08
C TYR A 92 -0.55 19.69 22.68
N HIS A 93 -0.36 20.95 22.28
CA HIS A 93 -1.08 22.06 22.88
C HIS A 93 -2.16 22.64 21.97
N GLY A 94 -2.27 22.17 20.73
CA GLY A 94 -3.27 22.64 19.80
C GLY A 94 -2.64 23.07 18.49
N SER A 95 -3.49 23.57 17.59
CA SER A 95 -3.07 23.92 16.24
C SER A 95 -3.68 25.25 15.82
N TYR A 96 -2.88 26.07 15.15
CA TYR A 96 -3.32 27.34 14.60
C TYR A 96 -3.42 27.26 13.08
N LEU A 97 -4.46 27.87 12.53
CA LEU A 97 -4.60 28.04 11.09
C LEU A 97 -4.70 29.52 10.80
N TRP A 98 -3.80 30.04 9.96
CA TRP A 98 -3.85 31.44 9.59
C TRP A 98 -3.04 31.67 8.32
N LEU A 99 -3.65 32.36 7.36
CA LEU A 99 -3.00 32.74 6.11
C LEU A 99 -2.34 31.54 5.45
N GLN A 100 -3.12 30.47 5.29
CA GLN A 100 -2.70 29.28 4.55
C GLN A 100 -1.49 28.63 5.20
N LYS A 101 -1.36 28.75 6.51
CA LYS A 101 -0.28 28.12 7.26
C LYS A 101 -0.87 27.49 8.51
N LEU A 102 -0.63 26.18 8.68
CA LEU A 102 -1.04 25.46 9.88
C LEU A 102 0.18 25.31 10.79
N TRP A 103 -0.02 25.61 12.07
CA TRP A 103 1.03 25.52 13.07
C TRP A 103 0.62 24.52 14.14
N ILE A 104 1.44 23.49 14.32
CA ILE A 104 1.22 22.48 15.35
C ILE A 104 2.05 22.87 16.57
N CYS A 105 1.38 23.24 17.66
CA CYS A 105 2.06 23.66 18.87
C CYS A 105 2.26 22.47 19.81
N MET A 106 3.49 22.26 20.25
CA MET A 106 3.85 21.15 21.11
C MET A 106 4.80 21.65 22.19
N GLU A 107 5.10 20.77 23.14
CA GLU A 107 6.07 21.09 24.17
C GLU A 107 7.44 21.26 23.55
N PHE A 108 8.22 22.17 24.12
CA PHE A 108 9.60 22.37 23.68
C PHE A 108 10.54 21.53 24.52
N CYS A 109 11.40 20.75 23.86
CA CYS A 109 12.40 19.92 24.52
C CYS A 109 13.78 20.54 24.28
N GLY A 110 14.39 21.06 25.35
CA GLY A 110 15.64 21.79 25.19
C GLY A 110 16.75 20.93 24.63
N ALA A 111 16.81 19.67 25.03
CA ALA A 111 17.88 18.78 24.56
C ALA A 111 17.63 18.29 23.14
N GLY A 112 16.41 18.40 22.64
CA GLY A 112 16.10 17.87 21.33
C GLY A 112 15.92 16.35 21.37
N SER A 113 16.28 15.72 20.26
CA SER A 113 16.12 14.28 20.11
C SER A 113 17.36 13.56 20.60
N LEU A 114 17.22 12.25 20.77
CA LEU A 114 18.37 11.45 21.20
C LEU A 114 19.51 11.53 20.18
N GLN A 115 19.18 11.72 18.90
CA GLN A 115 20.22 11.90 17.90
C GLN A 115 20.97 13.21 18.12
N ASP A 116 20.24 14.30 18.39
CA ASP A 116 20.87 15.56 18.76
C ASP A 116 21.80 15.36 19.95
N ILE A 117 21.39 14.54 20.91
CA ILE A 117 22.14 14.40 22.15
C ILE A 117 23.40 13.58 21.93
N TYR A 118 23.28 12.40 21.29
CA TYR A 118 24.43 11.52 21.21
C TYR A 118 25.46 12.01 20.21
N GLN A 119 25.07 12.85 19.26
CA GLN A 119 26.06 13.52 18.42
C GLN A 119 26.96 14.45 19.23
N VAL A 120 26.60 14.73 20.48
CA VAL A 120 27.39 15.56 21.37
C VAL A 120 28.02 14.72 22.48
N THR A 121 27.23 13.84 23.09
CA THR A 121 27.67 13.09 24.26
C THR A 121 28.39 11.80 23.90
N GLY A 122 28.18 11.27 22.69
CA GLY A 122 28.68 9.96 22.37
C GLY A 122 27.69 8.88 22.80
N SER A 123 28.14 7.64 22.68
CA SER A 123 27.26 6.50 22.90
C SER A 123 26.67 6.54 24.31
N LEU A 124 25.41 6.12 24.42
CA LEU A 124 24.76 6.03 25.72
C LEU A 124 25.23 4.79 26.45
N SER A 125 25.09 4.81 27.78
CA SER A 125 25.40 3.64 28.58
C SER A 125 24.28 2.60 28.47
N GLU A 126 24.59 1.37 28.86
CA GLU A 126 23.59 0.30 28.77
C GLU A 126 22.35 0.63 29.60
N LEU A 127 22.54 1.18 30.80
CA LEU A 127 21.39 1.53 31.63
C LEU A 127 20.58 2.65 31.00
N GLN A 128 21.24 3.67 30.46
CA GLN A 128 20.52 4.75 29.79
C GLN A 128 19.76 4.22 28.57
N ILE A 129 20.37 3.30 27.81
CA ILE A 129 19.66 2.72 26.68
C ILE A 129 18.52 1.84 27.17
N SER A 130 18.73 1.10 28.25
CA SER A 130 17.65 0.27 28.77
C SER A 130 16.47 1.12 29.22
N TYR A 131 16.75 2.29 29.81
CA TYR A 131 15.68 3.17 30.26
C TYR A 131 14.90 3.74 29.08
N VAL A 132 15.62 4.23 28.06
CA VAL A 132 14.95 4.68 26.83
C VAL A 132 14.07 3.57 26.26
N CYS A 133 14.61 2.37 26.16
CA CYS A 133 13.83 1.28 25.60
C CYS A 133 12.55 1.03 26.39
N ARG A 134 12.65 1.05 27.72
CA ARG A 134 11.47 0.84 28.55
C ARG A 134 10.43 1.93 28.30
N GLU A 135 10.87 3.19 28.27
CA GLU A 135 9.94 4.30 28.08
C GLU A 135 9.31 4.25 26.70
N VAL A 136 10.10 3.98 25.66
CA VAL A 136 9.54 3.89 24.33
C VAL A 136 8.54 2.73 24.24
N LEU A 137 8.89 1.59 24.84
CA LEU A 137 7.97 0.46 24.82
C LEU A 137 6.65 0.80 25.50
N GLN A 138 6.70 1.62 26.57
CA GLN A 138 5.47 2.04 27.22
C GLN A 138 4.62 2.89 26.28
N GLY A 139 5.25 3.81 25.55
CA GLY A 139 4.52 4.59 24.57
C GLY A 139 3.96 3.73 23.44
N LEU A 140 4.79 2.83 22.90
CA LEU A 140 4.32 1.95 21.83
C LEU A 140 3.16 1.07 22.32
N ALA A 141 3.30 0.50 23.51
CA ALA A 141 2.21 -0.30 24.05
C ALA A 141 0.90 0.49 24.09
N TYR A 142 0.99 1.77 24.45
CA TYR A 142 -0.19 2.62 24.47
C TYR A 142 -0.70 2.89 23.07
N LEU A 143 0.21 3.26 22.16
CA LEU A 143 -0.17 3.52 20.78
C LEU A 143 -0.84 2.30 20.15
N HIS A 144 -0.20 1.14 20.26
CA HIS A 144 -0.77 -0.07 19.68
C HIS A 144 -2.12 -0.40 20.32
N SER A 145 -2.26 -0.12 21.62
CA SER A 145 -3.55 -0.34 22.27
C SER A 145 -4.63 0.55 21.67
N GLN A 146 -4.24 1.69 21.08
N GLN A 146 -4.24 1.68 21.08
CA GLN A 146 -5.17 2.56 20.39
CA GLN A 146 -5.16 2.57 20.39
C GLN A 146 -5.23 2.29 18.89
C GLN A 146 -5.28 2.26 18.91
N LYS A 147 -4.78 1.11 18.45
CA LYS A 147 -4.81 0.74 17.04
C LYS A 147 -4.04 1.75 16.20
N LYS A 148 -2.91 2.21 16.72
CA LYS A 148 -2.03 3.12 16.01
C LYS A 148 -0.64 2.52 15.88
N ILE A 149 0.01 2.82 14.77
CA ILE A 149 1.37 2.38 14.49
C ILE A 149 2.23 3.61 14.27
N HIS A 150 3.42 3.61 14.86
CA HIS A 150 4.30 4.76 14.68
C HIS A 150 5.06 4.65 13.37
N ARG A 151 5.71 3.51 13.13
CA ARG A 151 6.35 3.15 11.87
C ARG A 151 7.58 4.00 11.55
N ASP A 152 8.01 4.87 12.45
CA ASP A 152 9.21 5.67 12.21
C ASP A 152 10.01 5.82 13.50
N ILE A 153 10.02 4.78 14.33
CA ILE A 153 10.80 4.82 15.56
C ILE A 153 12.28 4.89 15.19
N LYS A 154 12.95 5.89 15.75
CA LYS A 154 14.38 6.11 15.51
C LYS A 154 14.86 7.15 16.51
N GLY A 155 16.17 7.21 16.70
CA GLY A 155 16.71 8.14 17.68
C GLY A 155 16.31 9.57 17.42
N ALA A 156 16.23 9.97 16.15
CA ALA A 156 15.87 11.35 15.81
C ALA A 156 14.42 11.68 16.13
N ASN A 157 13.58 10.68 16.38
CA ASN A 157 12.16 10.88 16.66
C ASN A 157 11.82 10.63 18.12
N ILE A 158 12.82 10.43 18.96
CA ILE A 158 12.61 10.27 20.40
C ILE A 158 13.19 11.52 21.05
N LEU A 159 12.31 12.33 21.63
CA LEU A 159 12.70 13.58 22.26
C LEU A 159 12.94 13.37 23.75
N ILE A 160 13.82 14.20 24.32
CA ILE A 160 14.09 14.25 25.76
C ILE A 160 13.82 15.69 26.20
N ASN A 161 12.80 15.88 27.03
CA ASN A 161 12.50 17.22 27.51
C ASN A 161 13.40 17.57 28.69
N ASP A 162 13.26 18.80 29.17
CA ASP A 162 14.15 19.28 30.23
C ASP A 162 13.97 18.49 31.51
N ALA A 163 12.78 17.94 31.74
CA ALA A 163 12.54 17.11 32.91
C ALA A 163 13.12 15.71 32.78
N GLY A 164 13.81 15.41 31.67
CA GLY A 164 14.38 14.09 31.50
C GLY A 164 13.41 13.03 31.03
N GLU A 165 12.26 13.42 30.52
CA GLU A 165 11.25 12.46 30.08
C GLU A 165 11.43 12.12 28.60
N VAL A 166 11.28 10.81 28.31
CA VAL A 166 11.39 10.28 26.96
C VAL A 166 10.03 10.38 26.28
N ARG A 167 9.99 10.93 25.07
CA ARG A 167 8.71 11.17 24.42
C ARG A 167 8.79 10.95 22.92
N LEU A 168 7.99 10.01 22.43
CA LEU A 168 7.91 9.72 21.01
C LEU A 168 7.35 10.92 20.24
N ALA A 169 7.85 11.13 19.03
CA ALA A 169 7.46 12.28 18.23
C ALA A 169 7.46 11.90 16.75
N ASP A 170 7.13 12.90 15.92
CA ASP A 170 7.05 12.75 14.47
C ASP A 170 6.11 11.61 14.07
N PHE A 171 4.80 11.89 14.09
CA PHE A 171 3.80 10.95 13.61
C PHE A 171 3.43 11.18 12.15
N GLY A 172 4.34 11.76 11.36
CA GLY A 172 4.03 12.06 9.96
C GLY A 172 3.88 10.81 9.12
N ILE A 173 4.82 9.86 9.25
CA ILE A 173 4.66 8.59 8.56
C ILE A 173 3.39 7.89 9.01
N SER A 174 3.16 7.85 10.32
CA SER A 174 1.93 7.27 10.85
C SER A 174 0.72 7.94 10.22
N ALA A 175 0.73 9.27 10.14
CA ALA A 175 -0.38 9.99 9.53
C ALA A 175 -0.53 9.61 8.07
N GLN A 176 0.58 9.56 7.32
CA GLN A 176 0.51 9.17 5.92
C GLN A 176 -0.15 7.81 5.77
N ILE A 177 0.30 6.82 6.54
CA ILE A 177 -0.28 5.48 6.46
C ILE A 177 -1.78 5.53 6.67
N GLY A 178 -2.23 6.26 7.69
CA GLY A 178 -3.66 6.38 7.91
C GLY A 178 -4.38 7.03 6.74
N ALA A 179 -3.74 7.99 6.09
CA ALA A 179 -4.37 8.70 4.99
C ALA A 179 -4.43 7.82 3.74
N GLU A 180 -3.45 6.94 3.55
CA GLU A 180 -3.49 6.00 2.43
C GLU A 180 -4.61 4.99 2.62
N LEU A 181 -4.73 4.44 3.84
CA LEU A 181 -5.83 3.52 4.12
C LEU A 181 -7.17 4.18 3.87
N ALA A 182 -7.33 5.42 4.32
CA ALA A 182 -8.60 6.13 4.12
C ALA A 182 -8.91 6.27 2.64
N ARG A 183 -7.89 6.52 1.81
CA ARG A 183 -8.13 6.71 0.38
C ARG A 183 -8.41 5.39 -0.33
N ARG A 184 -7.75 4.31 0.09
CA ARG A 184 -8.04 3.01 -0.50
C ARG A 184 -9.48 2.59 -0.24
N LEU A 185 -10.00 2.90 0.95
CA LEU A 185 -11.33 2.43 1.33
C LEU A 185 -12.43 3.30 0.74
N GLU A 186 -12.21 4.61 0.63
CA GLU A 186 -13.19 5.45 -0.04
C GLU A 186 -13.25 5.15 -1.52
N PHE A 187 -12.14 4.68 -2.11
CA PHE A 187 -12.08 4.30 -3.52
C PHE A 187 -11.89 2.81 -3.69
N ILE A 188 -12.57 2.02 -2.86
CA ILE A 188 -12.36 0.57 -2.88
C ILE A 188 -13.00 -0.07 -4.11
N GLY A 189 -14.03 0.54 -4.67
CA GLY A 189 -14.65 -0.03 -5.86
C GLY A 189 -15.45 -1.26 -5.53
N THR A 190 -15.26 -2.32 -6.32
CA THR A 190 -15.99 -3.58 -6.17
C THR A 190 -15.00 -4.68 -5.87
N PRO A 191 -14.73 -4.99 -4.59
CA PRO A 191 -13.70 -5.97 -4.27
C PRO A 191 -14.21 -7.40 -4.21
N TYR A 192 -15.34 -7.68 -4.87
CA TYR A 192 -15.95 -9.01 -4.74
C TYR A 192 -15.16 -10.09 -5.44
N TRP A 193 -14.28 -9.73 -6.37
CA TRP A 193 -13.43 -10.70 -7.06
C TRP A 193 -12.04 -10.80 -6.44
N MET A 194 -11.78 -10.05 -5.39
CA MET A 194 -10.44 -9.88 -4.87
C MET A 194 -10.05 -11.04 -3.98
N ALA A 195 -8.80 -11.47 -4.10
CA ALA A 195 -8.31 -12.60 -3.34
C ALA A 195 -8.11 -12.23 -1.87
N PRO A 196 -8.23 -13.22 -0.96
CA PRO A 196 -8.14 -12.88 0.48
C PRO A 196 -6.88 -12.13 0.85
N GLU A 197 -5.73 -12.57 0.34
CA GLU A 197 -4.47 -11.92 0.68
C GLU A 197 -4.39 -10.50 0.12
N VAL A 198 -5.09 -10.22 -0.98
CA VAL A 198 -5.13 -8.85 -1.47
C VAL A 198 -6.04 -8.00 -0.60
N ALA A 199 -7.17 -8.57 -0.16
CA ALA A 199 -8.06 -7.84 0.73
C ALA A 199 -7.37 -7.53 2.06
N ALA A 200 -6.54 -8.46 2.54
CA ALA A 200 -5.82 -8.21 3.79
C ALA A 200 -4.84 -7.06 3.62
N VAL A 201 -4.12 -7.02 2.50
CA VAL A 201 -3.18 -5.93 2.28
C VAL A 201 -3.92 -4.61 2.14
N ALA A 202 -5.01 -4.60 1.38
CA ALA A 202 -5.80 -3.38 1.25
C ALA A 202 -6.27 -2.86 2.60
N LEU A 203 -6.71 -3.77 3.47
CA LEU A 203 -7.31 -3.40 4.74
C LEU A 203 -6.30 -3.17 5.84
N LYS A 204 -5.27 -4.02 5.91
CA LYS A 204 -4.32 -4.00 7.02
C LYS A 204 -2.91 -3.66 6.59
N GLY A 205 -2.66 -3.45 5.29
CA GLY A 205 -1.41 -2.90 4.82
C GLY A 205 -0.30 -3.90 4.55
N GLY A 206 -0.43 -5.13 4.99
CA GLY A 206 0.60 -6.12 4.78
C GLY A 206 1.52 -6.36 5.97
N TYR A 207 1.40 -5.55 7.02
CA TYR A 207 2.19 -5.74 8.23
C TYR A 207 1.40 -5.15 9.39
N ASN A 208 1.98 -5.19 10.59
CA ASN A 208 1.27 -4.77 11.78
C ASN A 208 2.20 -3.99 12.72
N GLU A 209 1.65 -3.62 13.87
CA GLU A 209 2.35 -2.77 14.82
C GLU A 209 3.69 -3.35 15.28
N LEU A 210 3.91 -4.65 15.07
CA LEU A 210 5.14 -5.28 15.53
C LEU A 210 6.36 -4.76 14.80
N CYS A 211 6.18 -4.07 13.65
CA CYS A 211 7.31 -3.41 13.03
C CYS A 211 7.96 -2.39 13.96
N ASP A 212 7.17 -1.77 14.84
CA ASP A 212 7.74 -0.82 15.80
C ASP A 212 8.70 -1.50 16.77
N ILE A 213 8.42 -2.74 17.15
CA ILE A 213 9.32 -3.45 18.06
C ILE A 213 10.67 -3.68 17.39
N TRP A 214 10.66 -4.02 16.09
CA TRP A 214 11.92 -4.17 15.37
C TRP A 214 12.67 -2.83 15.32
N SER A 215 11.95 -1.74 15.04
CA SER A 215 12.59 -0.44 14.94
C SER A 215 13.26 -0.04 16.26
N LEU A 216 12.63 -0.38 17.39
CA LEU A 216 13.25 -0.07 18.68
C LEU A 216 14.54 -0.85 18.87
N GLY A 217 14.56 -2.12 18.46
CA GLY A 217 15.79 -2.88 18.51
C GLY A 217 16.91 -2.21 17.72
N ILE A 218 16.59 -1.75 16.51
CA ILE A 218 17.59 -1.01 15.74
C ILE A 218 17.99 0.25 16.48
N THR A 219 17.02 0.94 17.09
CA THR A 219 17.31 2.18 17.81
C THR A 219 18.25 1.92 18.99
N ALA A 220 18.08 0.80 19.69
CA ALA A 220 18.99 0.50 20.79
C ALA A 220 20.43 0.38 20.30
N ILE A 221 20.62 -0.24 19.11
CA ILE A 221 21.94 -0.31 18.51
C ILE A 221 22.41 1.08 18.11
N GLU A 222 21.52 1.88 17.53
CA GLU A 222 21.88 3.25 17.16
C GLU A 222 22.39 4.03 18.37
N LEU A 223 21.72 3.90 19.51
CA LEU A 223 22.13 4.65 20.70
C LEU A 223 23.45 4.15 21.26
N ALA A 224 23.82 2.92 20.96
CA ALA A 224 25.09 2.36 21.44
C ALA A 224 26.25 2.63 20.49
N GLU A 225 25.97 2.72 19.19
CA GLU A 225 27.03 2.81 18.19
C GLU A 225 26.96 4.09 17.36
N LEU A 226 25.92 4.91 17.53
CA LEU A 226 25.76 6.22 16.89
C LEU A 226 25.39 6.12 15.41
N GLN A 227 25.12 4.91 14.91
CA GLN A 227 24.62 4.67 13.57
C GLN A 227 23.80 3.39 13.63
N PRO A 228 22.71 3.29 12.85
CA PRO A 228 22.03 2.00 12.73
C PRO A 228 22.92 1.03 11.97
N PRO A 229 22.73 -0.28 12.16
CA PRO A 229 23.49 -1.24 11.36
C PRO A 229 23.34 -0.96 9.88
N LEU A 230 24.40 -1.24 9.13
CA LEU A 230 24.42 -1.09 7.68
C LEU A 230 24.15 0.34 7.21
N PHE A 231 24.44 1.32 8.06
CA PHE A 231 24.22 2.71 7.70
C PHE A 231 25.02 3.10 6.47
N ASP A 232 26.15 2.44 6.23
CA ASP A 232 27.03 2.77 5.11
C ASP A 232 26.73 1.96 3.86
N VAL A 233 25.62 1.23 3.83
CA VAL A 233 25.20 0.47 2.67
C VAL A 233 24.04 1.20 1.99
N HIS A 234 23.98 1.08 0.66
CA HIS A 234 22.97 1.81 -0.09
C HIS A 234 21.57 1.44 0.39
N PRO A 235 20.69 2.43 0.54
CA PRO A 235 19.35 2.12 1.08
C PRO A 235 18.61 1.05 0.29
N LEU A 236 18.65 1.10 -1.04
CA LEU A 236 17.95 0.10 -1.83
C LEU A 236 18.60 -1.27 -1.69
N ARG A 237 19.94 -1.32 -1.62
CA ARG A 237 20.62 -2.58 -1.34
C ARG A 237 20.17 -3.16 -0.02
N VAL A 238 20.11 -2.33 1.03
CA VAL A 238 19.70 -2.81 2.35
C VAL A 238 18.27 -3.34 2.30
N LEU A 239 17.38 -2.63 1.60
CA LEU A 239 16.00 -3.08 1.49
C LEU A 239 15.92 -4.47 0.89
N PHE A 240 16.66 -4.70 -0.21
CA PHE A 240 16.62 -6.00 -0.85
C PHE A 240 17.12 -7.10 0.08
N LEU A 241 18.20 -6.84 0.81
CA LEU A 241 18.79 -7.87 1.65
C LEU A 241 17.79 -8.40 2.68
N MET A 242 16.94 -7.51 3.22
CA MET A 242 15.98 -7.93 4.22
C MET A 242 14.94 -8.89 3.66
N THR A 243 14.75 -8.91 2.34
CA THR A 243 13.79 -9.82 1.71
C THR A 243 14.41 -11.16 1.33
N LYS A 244 15.73 -11.26 1.31
CA LYS A 244 16.38 -12.53 1.03
C LYS A 244 16.21 -13.47 2.21
N SER A 245 16.05 -14.77 1.91
CA SER A 245 15.71 -15.73 2.95
C SER A 245 16.76 -15.77 4.06
N GLY A 246 18.02 -15.58 3.71
CA GLY A 246 19.09 -15.75 4.68
C GLY A 246 19.49 -14.49 5.40
N TYR A 247 18.59 -13.51 5.45
CA TYR A 247 18.90 -12.25 6.12
C TYR A 247 19.12 -12.50 7.61
N GLN A 248 20.34 -12.28 8.08
CA GLN A 248 20.65 -12.38 9.50
C GLN A 248 20.38 -11.03 10.16
N PRO A 249 19.51 -10.96 11.17
CA PRO A 249 19.28 -9.67 11.83
C PRO A 249 20.58 -9.11 12.37
N PRO A 250 20.69 -7.79 12.45
CA PRO A 250 21.95 -7.20 12.91
C PRO A 250 22.20 -7.41 14.40
N ARG A 251 23.47 -7.29 14.78
CA ARG A 251 23.92 -7.50 16.15
C ARG A 251 24.72 -6.29 16.61
N LEU A 252 24.98 -6.24 17.92
CA LEU A 252 25.89 -5.24 18.46
C LEU A 252 27.32 -5.57 18.07
N LYS A 253 28.08 -4.54 17.69
CA LYS A 253 29.46 -4.74 17.27
C LYS A 253 30.32 -5.28 18.41
N GLU A 254 30.43 -4.51 19.50
CA GLU A 254 31.32 -4.84 20.61
C GLU A 254 30.63 -5.82 21.55
N LYS A 255 30.98 -7.11 21.44
CA LYS A 255 30.36 -8.10 22.32
C LYS A 255 30.68 -7.82 23.79
N GLY A 256 31.96 -7.61 24.11
CA GLY A 256 32.36 -7.50 25.49
C GLY A 256 31.78 -6.32 26.24
N LYS A 257 31.35 -5.28 25.51
CA LYS A 257 30.91 -4.05 26.16
C LYS A 257 29.52 -4.16 26.78
N TRP A 258 28.73 -5.14 26.37
CA TRP A 258 27.31 -5.19 26.74
C TRP A 258 26.97 -6.49 27.45
N SER A 259 25.98 -6.41 28.32
CA SER A 259 25.58 -7.56 29.12
C SER A 259 24.85 -8.58 28.26
N ALA A 260 24.73 -9.79 28.78
CA ALA A 260 23.98 -10.83 28.08
C ALA A 260 22.52 -10.45 27.93
N ALA A 261 21.97 -9.75 28.94
CA ALA A 261 20.58 -9.33 28.84
C ALA A 261 20.38 -8.33 27.71
N PHE A 262 21.35 -7.42 27.50
CA PHE A 262 21.24 -6.45 26.41
C PHE A 262 21.31 -7.14 25.05
N HIS A 263 22.26 -8.07 24.88
CA HIS A 263 22.32 -8.84 23.64
C HIS A 263 21.02 -9.60 23.40
N ASN A 264 20.51 -10.27 24.43
CA ASN A 264 19.27 -11.03 24.27
C ASN A 264 18.10 -10.10 23.94
N PHE A 265 18.08 -8.90 24.54
CA PHE A 265 17.06 -7.93 24.19
C PHE A 265 17.11 -7.59 22.70
N ILE A 266 18.31 -7.37 22.17
CA ILE A 266 18.49 -7.12 20.74
C ILE A 266 18.00 -8.33 19.94
N LYS A 267 18.39 -9.53 20.38
CA LYS A 267 17.97 -10.75 19.70
C LYS A 267 16.46 -10.82 19.55
N VAL A 268 15.73 -10.61 20.64
CA VAL A 268 14.29 -10.85 20.61
C VAL A 268 13.56 -9.72 19.87
N THR A 269 13.95 -8.46 20.07
CA THR A 269 13.27 -7.40 19.33
C THR A 269 13.51 -7.57 17.83
N LEU A 270 14.70 -8.03 17.47
CA LEU A 270 15.08 -8.24 16.07
C LEU A 270 14.75 -9.65 15.61
N THR A 271 13.61 -10.18 16.06
CA THR A 271 13.07 -11.41 15.47
C THR A 271 12.50 -11.08 14.10
N LYS A 272 13.03 -11.70 13.04
CA LYS A 272 12.66 -11.27 11.71
C LYS A 272 11.25 -11.72 11.33
N SER A 273 10.76 -12.80 11.92
CA SER A 273 9.39 -13.21 11.71
C SER A 273 8.43 -12.43 12.54
N PRO A 274 7.51 -11.65 11.89
CA PRO A 274 6.47 -10.99 12.72
C PRO A 274 5.57 -11.93 13.49
N LYS A 275 5.52 -13.19 13.08
CA LYS A 275 4.73 -14.18 13.80
C LYS A 275 5.32 -14.51 15.17
N LYS A 276 6.62 -14.27 15.36
CA LYS A 276 7.29 -14.61 16.60
C LYS A 276 7.82 -13.40 17.37
N ARG A 277 7.81 -12.21 16.79
CA ARG A 277 8.33 -11.04 17.48
C ARG A 277 7.39 -10.66 18.62
N PRO A 278 7.90 -10.44 19.84
CA PRO A 278 7.00 -10.15 20.96
C PRO A 278 6.43 -8.74 20.89
N SER A 279 5.23 -8.59 21.43
CA SER A 279 4.54 -7.31 21.48
C SER A 279 5.22 -6.37 22.49
N ALA A 280 4.77 -5.12 22.49
CA ALA A 280 5.35 -4.13 23.38
C ALA A 280 5.12 -4.52 24.84
N THR A 281 3.88 -4.87 25.18
CA THR A 281 3.58 -5.27 26.55
C THR A 281 4.43 -6.47 26.97
N LYS A 282 4.57 -7.45 26.07
CA LYS A 282 5.41 -8.60 26.37
C LYS A 282 6.86 -8.18 26.58
N MET A 283 7.39 -7.35 25.67
CA MET A 283 8.77 -6.91 25.79
C MET A 283 9.02 -6.14 27.08
N LEU A 284 8.00 -5.58 27.71
CA LEU A 284 8.20 -4.83 28.94
C LEU A 284 8.49 -5.73 30.13
N SER A 285 8.26 -7.03 30.01
CA SER A 285 8.65 -7.98 31.05
C SER A 285 10.03 -8.60 30.77
N HIS A 286 10.72 -8.13 29.74
CA HIS A 286 12.08 -8.61 29.48
C HIS A 286 13.02 -8.12 30.58
N GLN A 287 14.02 -8.94 30.89
CA GLN A 287 14.90 -8.67 32.02
C GLN A 287 15.57 -7.30 31.90
N LEU A 288 15.88 -6.87 30.68
CA LEU A 288 16.67 -5.64 30.53
C LEU A 288 15.86 -4.40 30.92
N VAL A 289 14.61 -4.32 30.45
CA VAL A 289 13.81 -3.13 30.69
C VAL A 289 12.96 -3.22 31.95
N SER A 290 13.05 -4.33 32.70
CA SER A 290 12.32 -4.46 33.96
C SER A 290 13.23 -4.36 35.19
N GLN A 291 14.51 -4.10 35.00
CA GLN A 291 15.44 -4.13 36.12
C GLN A 291 15.24 -2.91 37.00
N PRO A 292 15.37 -3.06 38.32
CA PRO A 292 14.98 -1.97 39.23
C PRO A 292 15.84 -0.73 39.11
N GLY A 293 17.05 -0.84 38.60
CA GLY A 293 17.94 0.30 38.51
C GLY A 293 17.55 1.37 37.51
N LEU A 294 16.43 1.21 36.81
CA LEU A 294 16.05 2.14 35.76
C LEU A 294 15.20 3.27 36.35
N ASN A 295 15.72 4.49 36.28
CA ASN A 295 14.99 5.65 36.77
C ASN A 295 15.41 6.86 35.95
N ARG A 296 14.60 7.91 36.05
CA ARG A 296 14.80 9.12 35.25
C ARG A 296 16.19 9.72 35.46
N GLY A 297 16.80 9.49 36.64
CA GLY A 297 18.11 10.05 36.90
C GLY A 297 19.14 9.67 35.85
N LEU A 298 18.99 8.51 35.22
CA LEU A 298 19.91 8.13 34.14
C LEU A 298 19.86 9.14 33.00
N ILE A 299 18.68 9.67 32.70
CA ILE A 299 18.57 10.61 31.59
C ILE A 299 18.97 12.01 32.04
N LEU A 300 18.58 12.40 33.26
CA LEU A 300 19.07 13.65 33.80
C LEU A 300 20.60 13.67 33.80
N ASP A 301 21.22 12.53 34.10
CA ASP A 301 22.67 12.44 34.02
C ASP A 301 23.14 12.69 32.59
N LEU A 302 22.43 12.13 31.60
CA LEU A 302 22.76 12.38 30.22
C LEU A 302 22.62 13.86 29.89
N LEU A 303 21.55 14.50 30.36
CA LEU A 303 21.38 15.93 30.15
C LEU A 303 22.49 16.73 30.84
N ASP A 304 22.89 16.32 32.06
CA ASP A 304 24.02 16.97 32.70
C ASP A 304 25.27 16.87 31.84
N LYS A 305 25.52 15.67 31.25
CA LYS A 305 26.67 15.51 30.37
C LYS A 305 26.55 16.43 29.16
N LEU A 306 25.34 16.53 28.59
CA LEU A 306 25.15 17.43 27.45
C LEU A 306 25.45 18.87 27.83
N LYS A 307 25.05 19.29 29.03
CA LYS A 307 25.24 20.69 29.43
C LYS A 307 26.72 21.02 29.60
N ASN A 308 27.53 20.06 30.01
CA ASN A 308 28.96 20.29 30.20
C ASN A 308 29.68 20.37 28.85
N ASP B 20 9.05 9.15 -24.90
CA ASP B 20 9.01 7.83 -25.53
C ASP B 20 8.89 7.97 -27.04
N PRO B 21 9.90 7.53 -27.79
CA PRO B 21 9.82 7.62 -29.26
C PRO B 21 8.75 6.73 -29.85
N ASP B 22 8.22 5.77 -29.10
CA ASP B 22 7.16 4.91 -29.62
C ASP B 22 5.84 5.64 -29.76
N ILE B 23 5.67 6.77 -29.06
CA ILE B 23 4.40 7.49 -29.10
C ILE B 23 4.24 8.17 -30.45
N PHE B 24 3.05 8.07 -31.02
CA PHE B 24 2.73 8.78 -32.26
C PHE B 24 2.39 10.22 -31.87
N ASN B 25 3.24 11.15 -32.29
CA ASN B 25 3.01 12.57 -32.01
C ASN B 25 2.18 13.18 -33.14
N ARG B 26 0.89 12.83 -33.14
CA ARG B 26 -0.03 13.38 -34.11
C ARG B 26 -1.46 13.12 -33.65
N ASP B 27 -2.40 13.75 -34.33
CA ASP B 27 -3.82 13.64 -34.03
C ASP B 27 -4.32 12.29 -34.48
N PRO B 28 -4.94 11.48 -33.60
CA PRO B 28 -5.43 10.16 -34.05
C PRO B 28 -6.47 10.26 -35.14
N ARG B 29 -7.21 11.38 -35.24
CA ARG B 29 -8.17 11.54 -36.32
C ARG B 29 -7.50 11.62 -37.68
N ASP B 30 -6.17 11.73 -37.73
CA ASP B 30 -5.45 11.59 -38.99
C ASP B 30 -5.71 10.21 -39.60
N HIS B 31 -5.83 9.19 -38.75
CA HIS B 31 -5.99 7.81 -39.20
C HIS B 31 -7.36 7.23 -38.93
N TYR B 32 -8.09 7.74 -37.95
CA TYR B 32 -9.29 7.08 -37.47
C TYR B 32 -10.47 8.02 -37.45
N ASP B 33 -11.60 7.54 -37.97
CA ASP B 33 -12.90 8.18 -37.78
C ASP B 33 -13.45 7.73 -36.43
N LEU B 34 -13.66 8.69 -35.52
CA LEU B 34 -14.26 8.39 -34.23
C LEU B 34 -15.76 8.15 -34.41
N LEU B 35 -16.26 7.04 -33.86
CA LEU B 35 -17.63 6.62 -34.12
C LEU B 35 -18.57 6.78 -32.94
N GLN B 36 -18.21 6.26 -31.77
CA GLN B 36 -19.07 6.42 -30.61
C GLN B 36 -18.30 6.06 -29.34
N ARG B 37 -18.70 6.67 -28.23
CA ARG B 37 -18.13 6.31 -26.93
C ARG B 37 -18.66 4.96 -26.49
N LEU B 38 -17.77 4.13 -25.94
CA LEU B 38 -18.11 2.77 -25.58
C LEU B 38 -18.27 2.56 -24.08
N GLY B 39 -17.74 3.45 -23.25
CA GLY B 39 -17.86 3.30 -21.82
C GLY B 39 -16.68 3.90 -21.10
N GLY B 40 -16.48 3.43 -19.89
CA GLY B 40 -15.54 4.02 -18.94
C GLY B 40 -14.27 3.21 -18.86
N GLY B 41 -14.18 2.28 -17.92
CA GLY B 41 -12.92 1.65 -17.55
C GLY B 41 -12.38 2.24 -16.27
N THR B 42 -11.19 1.75 -15.88
CA THR B 42 -10.58 2.21 -14.64
C THR B 42 -10.26 3.70 -14.71
N TYR B 43 -9.86 4.20 -15.88
CA TYR B 43 -9.79 5.63 -16.13
C TYR B 43 -9.89 5.84 -17.65
N GLY B 44 -10.24 7.06 -18.03
CA GLY B 44 -10.30 7.43 -19.43
C GLY B 44 -11.59 6.99 -20.11
N GLU B 45 -11.86 7.60 -21.27
CA GLU B 45 -13.01 7.26 -22.10
C GLU B 45 -12.57 6.42 -23.29
N VAL B 46 -13.32 5.37 -23.58
CA VAL B 46 -13.01 4.46 -24.68
C VAL B 46 -13.96 4.76 -25.82
N PHE B 47 -13.40 4.90 -27.02
CA PHE B 47 -14.16 5.19 -28.23
C PHE B 47 -14.01 4.05 -29.22
N LYS B 48 -15.10 3.74 -29.92
CA LYS B 48 -15.04 2.94 -31.13
C LYS B 48 -14.63 3.82 -32.28
N ALA B 49 -13.76 3.31 -33.15
CA ALA B 49 -13.25 4.09 -34.26
C ALA B 49 -12.96 3.16 -35.43
N ARG B 50 -12.79 3.77 -36.61
CA ARG B 50 -12.54 3.03 -37.85
C ARG B 50 -11.30 3.57 -38.54
N ASP B 51 -10.41 2.65 -38.91
CA ASP B 51 -9.26 2.98 -39.74
C ASP B 51 -9.73 3.59 -41.05
N LYS B 52 -9.27 4.80 -41.35
CA LYS B 52 -9.72 5.50 -42.54
C LYS B 52 -9.22 4.87 -43.82
N VAL B 53 -8.12 4.10 -43.75
CA VAL B 53 -7.53 3.49 -44.94
C VAL B 53 -8.04 2.07 -45.11
N SER B 54 -7.81 1.23 -44.11
CA SER B 54 -8.19 -0.18 -44.21
C SER B 54 -9.66 -0.43 -43.94
N GLY B 55 -10.33 0.47 -43.23
CA GLY B 55 -11.69 0.24 -42.79
C GLY B 55 -11.83 -0.66 -41.58
N ASP B 56 -10.71 -1.10 -41.00
CA ASP B 56 -10.76 -1.93 -39.81
C ASP B 56 -11.24 -1.11 -38.61
N LEU B 57 -11.92 -1.80 -37.70
CA LEU B 57 -12.39 -1.18 -36.47
C LEU B 57 -11.33 -1.32 -35.39
N VAL B 58 -11.23 -0.29 -34.54
CA VAL B 58 -10.38 -0.31 -33.36
C VAL B 58 -11.17 0.31 -32.22
N ALA B 59 -10.62 0.19 -31.01
CA ALA B 59 -11.04 0.97 -29.86
C ALA B 59 -9.91 1.91 -29.46
N LEU B 60 -10.28 3.09 -28.98
CA LEU B 60 -9.31 4.08 -28.51
C LEU B 60 -9.67 4.47 -27.09
N LYS B 61 -8.74 4.23 -26.16
CA LYS B 61 -8.90 4.66 -24.78
C LYS B 61 -8.22 6.01 -24.66
N MET B 62 -9.02 7.06 -24.51
CA MET B 62 -8.50 8.42 -24.42
C MET B 62 -8.30 8.79 -22.96
N VAL B 63 -7.08 9.19 -22.60
CA VAL B 63 -6.75 9.65 -21.25
C VAL B 63 -6.28 11.09 -21.34
N LYS B 64 -6.98 11.98 -20.64
CA LYS B 64 -6.61 13.40 -20.61
C LYS B 64 -5.53 13.62 -19.57
N MET B 65 -4.47 14.33 -19.96
CA MET B 65 -3.36 14.66 -19.08
C MET B 65 -3.43 16.17 -18.80
N GLU B 66 -3.96 16.53 -17.66
CA GLU B 66 -4.19 17.92 -17.31
C GLU B 66 -2.96 18.51 -16.64
N PRO B 67 -2.84 19.84 -16.60
CA PRO B 67 -1.54 20.46 -16.27
C PRO B 67 -0.84 19.89 -15.04
N ASP B 68 -1.55 19.77 -13.92
CA ASP B 68 -0.93 19.31 -12.68
C ASP B 68 -1.26 17.84 -12.41
N ASP B 69 -0.90 16.99 -13.37
CA ASP B 69 -1.21 15.57 -13.31
C ASP B 69 0.07 14.75 -13.27
N ASP B 70 0.13 13.80 -12.34
CA ASP B 70 1.14 12.75 -12.36
C ASP B 70 0.73 11.75 -13.44
N VAL B 71 1.59 11.55 -14.44
CA VAL B 71 1.30 10.65 -15.55
C VAL B 71 1.97 9.29 -15.37
N SER B 72 2.46 8.98 -14.17
CA SER B 72 3.19 7.74 -13.94
C SER B 72 2.32 6.53 -14.24
N THR B 73 1.07 6.55 -13.80
CA THR B 73 0.17 5.41 -14.03
C THR B 73 -0.03 5.18 -15.52
N LEU B 74 -0.27 6.26 -16.28
CA LEU B 74 -0.41 6.13 -17.73
C LEU B 74 0.85 5.55 -18.35
N GLN B 75 2.01 6.05 -17.91
CA GLN B 75 3.27 5.56 -18.48
C GLN B 75 3.45 4.08 -18.18
N LYS B 76 3.06 3.64 -16.98
CA LYS B 76 3.16 2.22 -16.66
C LYS B 76 2.22 1.40 -17.52
N GLU B 77 1.00 1.89 -17.75
CA GLU B 77 0.08 1.15 -18.61
C GLU B 77 0.69 0.91 -19.97
N ILE B 78 1.23 1.96 -20.59
CA ILE B 78 1.88 1.82 -21.89
C ILE B 78 3.04 0.83 -21.80
N LEU B 79 3.83 0.92 -20.73
CA LEU B 79 4.94 -0.01 -20.56
C LEU B 79 4.44 -1.45 -20.49
N ILE B 80 3.31 -1.68 -19.81
CA ILE B 80 2.78 -3.02 -19.69
C ILE B 80 2.36 -3.55 -21.06
N LEU B 81 1.78 -2.69 -21.89
CA LEU B 81 1.23 -3.14 -23.16
C LEU B 81 2.26 -3.20 -24.28
N LYS B 82 3.33 -2.40 -24.19
CA LYS B 82 4.30 -2.32 -25.27
C LYS B 82 4.96 -3.66 -25.56
N THR B 83 5.18 -4.49 -24.52
CA THR B 83 5.84 -5.76 -24.69
C THR B 83 4.89 -6.95 -24.56
N CYS B 84 3.58 -6.69 -24.55
CA CYS B 84 2.57 -7.73 -24.39
C CYS B 84 2.00 -8.08 -25.77
N ARG B 85 2.19 -9.34 -26.17
CA ARG B 85 1.69 -9.82 -27.47
C ARG B 85 1.20 -11.26 -27.29
N HIS B 86 -0.10 -11.41 -27.05
CA HIS B 86 -0.70 -12.71 -26.88
C HIS B 86 -2.15 -12.63 -27.34
N ALA B 87 -2.62 -13.68 -27.99
CA ALA B 87 -3.93 -13.61 -28.65
C ALA B 87 -5.06 -13.36 -27.66
N ASN B 88 -4.96 -13.86 -26.43
CA ASN B 88 -6.00 -13.68 -25.43
C ASN B 88 -5.85 -12.39 -24.64
N ILE B 89 -4.98 -11.48 -25.07
CA ILE B 89 -4.90 -10.13 -24.53
C ILE B 89 -5.27 -9.16 -25.66
N VAL B 90 -6.20 -8.25 -25.39
CA VAL B 90 -6.57 -7.25 -26.39
C VAL B 90 -5.30 -6.63 -26.95
N ALA B 91 -5.13 -6.70 -28.27
CA ALA B 91 -3.89 -6.26 -28.91
C ALA B 91 -3.66 -4.76 -28.71
N TYR B 92 -2.40 -4.39 -28.59
CA TYR B 92 -2.00 -3.00 -28.46
C TYR B 92 -1.34 -2.57 -29.77
N HIS B 93 -1.91 -1.55 -30.40
CA HIS B 93 -1.38 -1.05 -31.67
C HIS B 93 -0.54 0.20 -31.51
N GLY B 94 -0.63 0.90 -30.39
CA GLY B 94 0.14 2.10 -30.15
C GLY B 94 -0.71 3.21 -29.56
N SER B 95 -0.05 4.33 -29.27
CA SER B 95 -0.67 5.45 -28.57
C SER B 95 -0.40 6.74 -29.32
N TYR B 96 -1.40 7.62 -29.34
CA TYR B 96 -1.28 8.94 -29.94
C TYR B 96 -1.34 9.99 -28.83
N LEU B 97 -0.39 10.91 -28.83
CA LEU B 97 -0.39 12.06 -27.93
C LEU B 97 -0.73 13.30 -28.73
N TRP B 98 -1.81 13.98 -28.37
CA TRP B 98 -2.24 15.16 -29.10
C TRP B 98 -3.10 16.04 -28.20
N LEU B 99 -2.73 17.31 -28.10
CA LEU B 99 -3.45 18.28 -27.27
C LEU B 99 -3.60 17.76 -25.84
N GLN B 100 -2.51 17.23 -25.30
CA GLN B 100 -2.46 16.70 -23.93
C GLN B 100 -3.52 15.63 -23.70
N LYS B 101 -3.85 14.86 -24.74
CA LYS B 101 -4.69 13.68 -24.63
C LYS B 101 -3.91 12.50 -25.18
N LEU B 102 -3.88 11.40 -24.44
CA LEU B 102 -3.23 10.19 -24.90
C LEU B 102 -4.29 9.18 -25.32
N TRP B 103 -4.20 8.74 -26.58
CA TRP B 103 -5.18 7.82 -27.17
C TRP B 103 -4.49 6.47 -27.31
N ILE B 104 -4.93 5.49 -26.52
CA ILE B 104 -4.40 4.13 -26.59
C ILE B 104 -5.24 3.35 -27.60
N CYS B 105 -4.62 2.98 -28.71
CA CYS B 105 -5.32 2.25 -29.77
C CYS B 105 -5.17 0.74 -29.56
N MET B 106 -6.29 0.03 -29.61
CA MET B 106 -6.29 -1.40 -29.31
C MET B 106 -7.24 -2.14 -30.25
N GLU B 107 -7.20 -3.47 -30.14
CA GLU B 107 -8.06 -4.34 -30.92
C GLU B 107 -9.51 -4.14 -30.52
N PHE B 108 -10.40 -4.19 -31.50
CA PHE B 108 -11.83 -4.03 -31.26
C PHE B 108 -12.48 -5.39 -31.05
N CYS B 109 -13.28 -5.50 -30.00
CA CYS B 109 -14.02 -6.72 -29.66
C CYS B 109 -15.50 -6.36 -29.71
N GLY B 110 -16.14 -6.68 -30.84
CA GLY B 110 -17.43 -6.10 -31.18
C GLY B 110 -18.57 -6.46 -30.25
N ALA B 111 -18.48 -7.58 -29.53
CA ALA B 111 -19.58 -7.98 -28.66
C ALA B 111 -19.54 -7.33 -27.28
N GLY B 112 -18.48 -6.63 -26.93
CA GLY B 112 -18.38 -6.04 -25.61
C GLY B 112 -17.89 -7.03 -24.56
N SER B 113 -18.16 -6.70 -23.30
CA SER B 113 -17.71 -7.51 -22.18
C SER B 113 -18.72 -8.61 -21.85
N LEU B 114 -18.21 -9.67 -21.23
CA LEU B 114 -19.10 -10.77 -20.84
C LEU B 114 -20.20 -10.28 -19.91
N GLN B 115 -19.89 -9.33 -19.02
CA GLN B 115 -20.90 -8.80 -18.12
C GLN B 115 -22.04 -8.14 -18.90
N ASP B 116 -21.70 -7.23 -19.82
CA ASP B 116 -22.71 -6.68 -20.71
C ASP B 116 -23.54 -7.79 -21.34
N ILE B 117 -22.88 -8.86 -21.78
CA ILE B 117 -23.58 -9.92 -22.50
C ILE B 117 -24.54 -10.65 -21.57
N TYR B 118 -24.04 -11.16 -20.44
CA TYR B 118 -24.89 -12.05 -19.65
C TYR B 118 -26.07 -11.31 -19.01
N GLN B 119 -26.02 -9.98 -18.95
CA GLN B 119 -27.15 -9.24 -18.42
C GLN B 119 -28.33 -9.25 -19.39
N VAL B 120 -28.10 -9.60 -20.64
CA VAL B 120 -29.15 -9.85 -21.61
C VAL B 120 -29.45 -11.33 -21.71
N THR B 121 -28.40 -12.16 -21.82
CA THR B 121 -28.56 -13.56 -22.18
C THR B 121 -28.90 -14.45 -21.00
N GLY B 122 -28.59 -14.02 -19.79
CA GLY B 122 -28.66 -14.90 -18.65
C GLY B 122 -27.36 -15.65 -18.45
N SER B 123 -27.39 -16.56 -17.49
CA SER B 123 -26.17 -17.24 -17.07
C SER B 123 -25.63 -18.13 -18.19
N LEU B 124 -24.32 -18.35 -18.16
CA LEU B 124 -23.67 -19.14 -19.19
C LEU B 124 -23.76 -20.62 -18.86
N SER B 125 -23.64 -21.46 -19.90
CA SER B 125 -23.55 -22.89 -19.70
C SER B 125 -22.16 -23.24 -19.17
N GLU B 126 -22.03 -24.48 -18.67
CA GLU B 126 -20.74 -24.92 -18.15
C GLU B 126 -19.69 -24.96 -19.24
N LEU B 127 -20.05 -25.45 -20.43
CA LEU B 127 -19.06 -25.53 -21.52
C LEU B 127 -18.61 -24.14 -21.94
N GLN B 128 -19.54 -23.19 -22.02
CA GLN B 128 -19.17 -21.81 -22.33
C GLN B 128 -18.21 -21.25 -21.28
N ILE B 129 -18.51 -21.46 -20.00
CA ILE B 129 -17.62 -20.99 -18.94
C ILE B 129 -16.25 -21.66 -19.06
N SER B 130 -16.24 -22.95 -19.43
CA SER B 130 -14.98 -23.67 -19.56
C SER B 130 -14.11 -23.06 -20.65
N TYR B 131 -14.70 -22.75 -21.81
CA TYR B 131 -13.97 -22.07 -22.87
C TYR B 131 -13.43 -20.72 -22.39
N VAL B 132 -14.30 -19.91 -21.79
CA VAL B 132 -13.86 -18.62 -21.26
C VAL B 132 -12.68 -18.80 -20.31
N CYS B 133 -12.83 -19.71 -19.32
CA CYS B 133 -11.77 -19.88 -18.35
C CYS B 133 -10.47 -20.34 -19.00
N ARG B 134 -10.55 -21.29 -19.94
CA ARG B 134 -9.34 -21.72 -20.63
C ARG B 134 -8.66 -20.55 -21.33
N GLU B 135 -9.43 -19.74 -22.05
CA GLU B 135 -8.85 -18.63 -22.81
C GLU B 135 -8.26 -17.57 -21.87
N VAL B 136 -8.95 -17.26 -20.77
CA VAL B 136 -8.39 -16.31 -19.80
C VAL B 136 -7.12 -16.87 -19.17
N LEU B 137 -7.12 -18.17 -18.88
CA LEU B 137 -5.94 -18.78 -18.26
C LEU B 137 -4.74 -18.71 -19.21
N GLN B 138 -4.98 -18.89 -20.51
CA GLN B 138 -3.88 -18.74 -21.46
C GLN B 138 -3.31 -17.33 -21.43
N GLY B 139 -4.19 -16.34 -21.32
CA GLY B 139 -3.73 -14.97 -21.23
C GLY B 139 -2.99 -14.70 -19.94
N LEU B 140 -3.48 -15.27 -18.82
CA LEU B 140 -2.85 -15.01 -17.53
C LEU B 140 -1.47 -15.69 -17.45
N ALA B 141 -1.36 -16.90 -17.98
CA ALA B 141 -0.06 -17.57 -18.01
C ALA B 141 0.97 -16.72 -18.75
N TYR B 142 0.58 -16.17 -19.91
CA TYR B 142 1.48 -15.30 -20.64
C TYR B 142 1.83 -14.07 -19.82
N LEU B 143 0.81 -13.42 -19.24
CA LEU B 143 1.04 -12.22 -18.45
C LEU B 143 1.97 -12.51 -17.27
N HIS B 144 1.67 -13.56 -16.50
CA HIS B 144 2.52 -13.90 -15.36
C HIS B 144 3.92 -14.32 -15.80
N SER B 145 4.05 -14.87 -17.00
CA SER B 145 5.36 -15.22 -17.51
C SER B 145 6.20 -13.99 -17.79
N GLN B 146 5.57 -12.81 -17.85
CA GLN B 146 6.26 -11.55 -18.01
C GLN B 146 6.39 -10.82 -16.68
N LYS B 147 6.12 -11.50 -15.57
CA LYS B 147 6.12 -10.89 -14.24
C LYS B 147 5.11 -9.75 -14.17
N LYS B 148 4.02 -9.86 -14.93
CA LYS B 148 2.94 -8.89 -14.90
C LYS B 148 1.69 -9.51 -14.27
N ILE B 149 0.92 -8.66 -13.59
CA ILE B 149 -0.29 -9.06 -12.90
C ILE B 149 -1.44 -8.24 -13.46
N HIS B 150 -2.62 -8.86 -13.53
CA HIS B 150 -3.78 -8.10 -13.98
C HIS B 150 -4.48 -7.43 -12.81
N ARG B 151 -4.84 -8.22 -11.79
CA ARG B 151 -5.39 -7.74 -10.52
C ARG B 151 -6.80 -7.16 -10.64
N ASP B 152 -7.43 -7.30 -11.79
CA ASP B 152 -8.77 -6.75 -12.01
C ASP B 152 -9.59 -7.71 -12.86
N ILE B 153 -9.44 -9.01 -12.61
CA ILE B 153 -10.11 -10.03 -13.42
C ILE B 153 -11.57 -10.14 -12.98
N LYS B 154 -12.47 -10.02 -13.95
CA LYS B 154 -13.91 -10.14 -13.70
C LYS B 154 -14.59 -10.13 -15.06
N GLY B 155 -15.89 -10.44 -15.05
CA GLY B 155 -16.65 -10.50 -16.29
C GLY B 155 -16.60 -9.20 -17.09
N ALA B 156 -16.55 -8.06 -16.39
CA ALA B 156 -16.53 -6.77 -17.08
C ALA B 156 -15.24 -6.54 -17.86
N ASN B 157 -14.16 -7.25 -17.52
CA ASN B 157 -12.87 -7.06 -18.17
C ASN B 157 -12.51 -8.18 -19.13
N ILE B 158 -13.44 -9.09 -19.39
CA ILE B 158 -13.26 -10.15 -20.40
C ILE B 158 -14.10 -9.77 -21.61
N LEU B 159 -13.43 -9.39 -22.70
CA LEU B 159 -14.13 -8.93 -23.89
C LEU B 159 -14.29 -10.05 -24.93
N ILE B 160 -15.33 -9.94 -25.74
CA ILE B 160 -15.67 -10.93 -26.75
C ILE B 160 -15.80 -10.21 -28.09
N ASN B 161 -15.12 -10.73 -29.11
CA ASN B 161 -15.24 -10.16 -30.44
C ASN B 161 -16.34 -10.89 -31.23
N ASP B 162 -16.61 -10.40 -32.44
CA ASP B 162 -17.70 -10.95 -33.24
C ASP B 162 -17.48 -12.41 -33.60
N ALA B 163 -16.23 -12.86 -33.59
CA ALA B 163 -15.92 -14.26 -33.84
C ALA B 163 -16.11 -15.14 -32.61
N GLY B 164 -16.49 -14.55 -31.48
CA GLY B 164 -16.66 -15.30 -30.25
C GLY B 164 -15.39 -15.57 -29.49
N GLU B 165 -14.29 -14.89 -29.82
CA GLU B 165 -13.02 -15.12 -29.18
C GLU B 165 -12.87 -14.23 -27.95
N VAL B 166 -12.03 -14.67 -27.02
CA VAL B 166 -11.97 -14.13 -25.66
C VAL B 166 -10.71 -13.28 -25.54
N ARG B 167 -10.86 -12.08 -24.95
CA ARG B 167 -9.75 -11.14 -24.82
C ARG B 167 -9.79 -10.47 -23.45
N LEU B 168 -8.63 -10.41 -22.80
CA LEU B 168 -8.48 -9.70 -21.54
C LEU B 168 -8.16 -8.24 -21.79
N ALA B 169 -8.80 -7.36 -21.01
CA ALA B 169 -8.66 -5.92 -21.21
C ALA B 169 -8.58 -5.18 -19.88
N ASP B 170 -8.30 -3.87 -20.00
CA ASP B 170 -8.27 -2.90 -18.92
C ASP B 170 -7.17 -3.23 -17.91
N PHE B 171 -5.98 -2.70 -18.17
CA PHE B 171 -4.84 -2.82 -17.28
C PHE B 171 -4.67 -1.58 -16.41
N GLY B 172 -5.73 -0.78 -16.26
CA GLY B 172 -5.63 0.43 -15.46
C GLY B 172 -5.24 0.13 -14.03
N ILE B 173 -5.89 -0.87 -13.42
CA ILE B 173 -5.53 -1.26 -12.06
C ILE B 173 -4.09 -1.77 -12.02
N SER B 174 -3.74 -2.64 -12.96
CA SER B 174 -2.37 -3.13 -13.04
C SER B 174 -1.39 -1.97 -13.09
N ALA B 175 -1.65 -0.99 -13.96
CA ALA B 175 -0.74 0.15 -14.08
C ALA B 175 -0.68 0.95 -12.78
N GLN B 176 -1.84 1.22 -12.15
CA GLN B 176 -1.83 1.97 -10.90
C GLN B 176 -0.98 1.28 -9.85
N ILE B 177 -1.10 -0.04 -9.74
CA ILE B 177 -0.32 -0.78 -8.76
C ILE B 177 1.18 -0.63 -9.03
N GLY B 178 1.57 -0.78 -10.29
CA GLY B 178 2.99 -0.63 -10.61
C GLY B 178 3.50 0.77 -10.38
N ALA B 179 2.66 1.79 -10.59
CA ALA B 179 3.10 3.16 -10.38
C ALA B 179 3.24 3.46 -8.89
N GLU B 180 2.28 3.02 -8.08
CA GLU B 180 2.37 3.22 -6.64
C GLU B 180 3.57 2.48 -6.07
N LEU B 181 3.83 1.26 -6.53
CA LEU B 181 5.01 0.53 -6.06
C LEU B 181 6.28 1.29 -6.38
N ALA B 182 6.39 1.81 -7.61
CA ALA B 182 7.57 2.59 -7.98
C ALA B 182 7.64 3.89 -7.19
N ARG B 183 6.48 4.50 -6.89
CA ARG B 183 6.47 5.75 -6.15
C ARG B 183 6.89 5.55 -4.71
N ARG B 184 6.22 4.64 -3.99
CA ARG B 184 6.59 4.36 -2.61
C ARG B 184 8.05 3.93 -2.51
N LEU B 185 8.56 3.24 -3.52
CA LEU B 185 9.97 2.87 -3.52
C LEU B 185 10.87 4.08 -3.67
N GLU B 186 10.52 5.01 -4.56
CA GLU B 186 11.35 6.19 -4.76
C GLU B 186 11.34 7.08 -3.52
N PHE B 187 10.23 7.14 -2.80
CA PHE B 187 10.11 7.97 -1.60
C PHE B 187 10.22 7.16 -0.32
N ILE B 188 11.05 6.10 -0.31
CA ILE B 188 11.17 5.25 0.86
C ILE B 188 12.15 5.79 1.88
N GLY B 189 13.07 6.65 1.48
CA GLY B 189 13.98 7.26 2.44
C GLY B 189 14.98 6.26 3.00
N THR B 190 15.31 6.45 4.27
CA THR B 190 16.29 5.60 4.95
C THR B 190 15.58 4.40 5.56
N PRO B 191 15.86 3.17 5.12
CA PRO B 191 15.15 2.01 5.67
C PRO B 191 15.94 1.28 6.74
N TYR B 192 16.97 1.92 7.29
CA TYR B 192 17.86 1.24 8.21
C TYR B 192 17.15 0.82 9.50
N TRP B 193 16.04 1.46 9.85
CA TRP B 193 15.26 1.09 11.02
C TRP B 193 14.03 0.25 10.69
N MET B 194 13.82 -0.08 9.42
CA MET B 194 12.58 -0.70 8.97
C MET B 194 12.64 -2.22 9.14
N ALA B 195 11.51 -2.79 9.55
CA ALA B 195 11.45 -4.23 9.76
C ALA B 195 11.40 -4.97 8.42
N PRO B 196 11.87 -6.21 8.37
CA PRO B 196 11.95 -6.91 7.07
C PRO B 196 10.61 -7.07 6.39
N GLU B 197 9.55 -7.38 7.15
CA GLU B 197 8.23 -7.53 6.56
C GLU B 197 7.75 -6.23 5.90
N VAL B 198 8.15 -5.09 6.47
CA VAL B 198 7.80 -3.81 5.85
C VAL B 198 8.57 -3.64 4.56
N ALA B 199 9.85 -4.03 4.55
CA ALA B 199 10.66 -3.93 3.34
C ALA B 199 10.13 -4.86 2.25
N ALA B 200 9.71 -6.08 2.62
CA ALA B 200 9.17 -6.99 1.62
C ALA B 200 7.88 -6.44 1.01
N VAL B 201 7.07 -5.76 1.81
CA VAL B 201 5.84 -5.15 1.29
C VAL B 201 6.19 -4.01 0.35
N ALA B 202 7.21 -3.21 0.71
CA ALA B 202 7.57 -2.07 -0.13
C ALA B 202 8.11 -2.51 -1.48
N LEU B 203 8.87 -3.61 -1.52
CA LEU B 203 9.45 -4.07 -2.77
C LEU B 203 8.51 -4.98 -3.56
N LYS B 204 7.81 -5.90 -2.88
CA LYS B 204 7.04 -6.93 -3.55
C LYS B 204 5.54 -6.76 -3.43
N GLY B 205 5.04 -5.86 -2.58
CA GLY B 205 3.67 -5.43 -2.60
C GLY B 205 2.73 -6.14 -1.64
N GLY B 206 3.10 -7.31 -1.14
CA GLY B 206 2.28 -8.04 -0.19
C GLY B 206 1.57 -9.25 -0.75
N TYR B 207 1.62 -9.46 -2.06
CA TYR B 207 0.97 -10.60 -2.69
C TYR B 207 1.62 -10.77 -4.06
N ASN B 208 1.19 -11.82 -4.77
CA ASN B 208 1.79 -12.11 -6.08
C ASN B 208 0.72 -12.39 -7.14
N GLU B 209 1.15 -12.94 -8.28
CA GLU B 209 0.26 -13.08 -9.42
C GLU B 209 -0.84 -14.10 -9.19
N LEU B 210 -0.72 -14.94 -8.15
CA LEU B 210 -1.73 -15.96 -7.91
C LEU B 210 -3.07 -15.35 -7.52
N CYS B 211 -3.10 -14.05 -7.22
CA CYS B 211 -4.38 -13.41 -6.95
C CYS B 211 -5.29 -13.43 -8.18
N ASP B 212 -4.70 -13.47 -9.38
CA ASP B 212 -5.50 -13.55 -10.59
C ASP B 212 -6.20 -14.90 -10.74
N ILE B 213 -5.63 -15.96 -10.17
CA ILE B 213 -6.26 -17.27 -10.22
C ILE B 213 -7.53 -17.29 -9.37
N TRP B 214 -7.47 -16.72 -8.17
CA TRP B 214 -8.65 -16.61 -7.33
C TRP B 214 -9.73 -15.80 -8.04
N SER B 215 -9.37 -14.62 -8.55
CA SER B 215 -10.35 -13.78 -9.24
C SER B 215 -11.01 -14.53 -10.38
N LEU B 216 -10.25 -15.34 -11.12
CA LEU B 216 -10.84 -16.11 -12.21
C LEU B 216 -11.87 -17.10 -11.68
N GLY B 217 -11.57 -17.75 -10.55
CA GLY B 217 -12.55 -18.63 -9.94
C GLY B 217 -13.83 -17.90 -9.57
N ILE B 218 -13.70 -16.68 -9.04
CA ILE B 218 -14.88 -15.89 -8.71
C ILE B 218 -15.62 -15.51 -9.99
N THR B 219 -14.88 -15.23 -11.06
CA THR B 219 -15.51 -14.91 -12.34
C THR B 219 -16.30 -16.10 -12.87
N ALA B 220 -15.77 -17.31 -12.68
CA ALA B 220 -16.50 -18.50 -13.10
C ALA B 220 -17.85 -18.59 -12.39
N ILE B 221 -17.89 -18.22 -11.11
CA ILE B 221 -19.16 -18.18 -10.39
C ILE B 221 -20.03 -17.06 -10.94
N GLU B 222 -19.44 -15.87 -11.11
CA GLU B 222 -20.16 -14.75 -11.73
C GLU B 222 -20.87 -15.18 -13.00
N LEU B 223 -20.14 -15.83 -13.91
CA LEU B 223 -20.76 -16.21 -15.18
C LEU B 223 -21.82 -17.28 -15.01
N ALA B 224 -21.70 -18.08 -13.95
CA ALA B 224 -22.69 -19.11 -13.68
C ALA B 224 -23.93 -18.55 -13.01
N GLU B 225 -23.79 -17.48 -12.21
CA GLU B 225 -24.87 -17.01 -11.35
C GLU B 225 -25.21 -15.54 -11.54
N LEU B 226 -24.58 -14.85 -12.49
CA LEU B 226 -24.87 -13.47 -12.85
C LEU B 226 -24.40 -12.45 -11.82
N GLN B 227 -23.68 -12.89 -10.79
CA GLN B 227 -23.05 -11.95 -9.86
C GLN B 227 -22.06 -12.69 -8.98
N PRO B 228 -20.96 -12.05 -8.59
CA PRO B 228 -20.02 -12.70 -7.68
C PRO B 228 -20.64 -12.91 -6.33
N PRO B 229 -20.04 -13.75 -5.48
CA PRO B 229 -20.53 -13.88 -4.11
C PRO B 229 -20.56 -12.54 -3.39
N LEU B 230 -21.58 -12.36 -2.56
CA LEU B 230 -21.72 -11.22 -1.65
C LEU B 230 -21.85 -9.90 -2.39
N PHE B 231 -22.24 -9.93 -3.67
CA PHE B 231 -22.43 -8.68 -4.40
C PHE B 231 -23.49 -7.79 -3.75
N ASP B 232 -24.37 -8.38 -2.94
CA ASP B 232 -25.35 -7.62 -2.20
C ASP B 232 -24.75 -6.91 -0.99
N VAL B 233 -23.52 -7.22 -0.61
CA VAL B 233 -22.92 -6.72 0.61
C VAL B 233 -22.10 -5.47 0.30
N HIS B 234 -22.10 -4.54 1.25
CA HIS B 234 -21.34 -3.32 1.09
C HIS B 234 -19.86 -3.64 0.82
N PRO B 235 -19.23 -2.96 -0.14
CA PRO B 235 -17.83 -3.31 -0.47
C PRO B 235 -16.90 -3.31 0.73
N LEU B 236 -17.01 -2.30 1.60
CA LEU B 236 -16.16 -2.26 2.79
C LEU B 236 -16.42 -3.48 3.68
N ARG B 237 -17.68 -3.81 3.90
CA ARG B 237 -17.99 -4.98 4.73
C ARG B 237 -17.40 -6.24 4.11
N VAL B 238 -17.44 -6.35 2.78
CA VAL B 238 -16.88 -7.53 2.13
C VAL B 238 -15.39 -7.62 2.42
N LEU B 239 -14.67 -6.50 2.32
CA LEU B 239 -13.25 -6.51 2.64
C LEU B 239 -13.00 -7.06 4.04
N PHE B 240 -13.82 -6.63 5.01
CA PHE B 240 -13.63 -7.03 6.40
C PHE B 240 -13.91 -8.52 6.58
N LEU B 241 -14.91 -9.05 5.87
CA LEU B 241 -15.23 -10.47 6.00
C LEU B 241 -14.10 -11.34 5.46
N MET B 242 -13.45 -10.90 4.38
CA MET B 242 -12.42 -11.73 3.76
C MET B 242 -11.15 -11.80 4.60
N THR B 243 -10.99 -10.91 5.57
CA THR B 243 -9.80 -10.91 6.43
C THR B 243 -10.04 -11.60 7.76
N LYS B 244 -11.26 -12.06 8.04
CA LYS B 244 -11.53 -12.74 9.28
C LYS B 244 -11.05 -14.18 9.24
N SER B 245 -10.79 -14.73 10.43
CA SER B 245 -10.25 -16.08 10.52
C SER B 245 -11.21 -17.12 9.96
N GLY B 246 -12.52 -16.90 10.12
CA GLY B 246 -13.50 -17.86 9.67
C GLY B 246 -13.90 -17.78 8.21
N TYR B 247 -13.18 -16.98 7.41
CA TYR B 247 -13.60 -16.78 6.03
C TYR B 247 -13.53 -18.09 5.24
N GLN B 248 -14.66 -18.45 4.61
CA GLN B 248 -14.74 -19.66 3.81
C GLN B 248 -14.77 -19.31 2.33
N PRO B 249 -13.97 -19.96 1.49
CA PRO B 249 -14.08 -19.74 0.05
C PRO B 249 -15.49 -20.02 -0.44
N PRO B 250 -16.01 -19.19 -1.34
CA PRO B 250 -17.39 -19.39 -1.81
C PRO B 250 -17.51 -20.66 -2.64
N ARG B 251 -18.74 -21.06 -2.88
CA ARG B 251 -19.07 -22.24 -3.66
C ARG B 251 -20.15 -21.89 -4.67
N LEU B 252 -20.32 -22.77 -5.66
CA LEU B 252 -21.46 -22.66 -6.56
C LEU B 252 -22.75 -22.96 -5.80
N LYS B 253 -23.77 -22.15 -6.05
CA LYS B 253 -24.99 -22.22 -5.25
C LYS B 253 -25.80 -23.49 -5.54
N GLU B 254 -25.93 -23.87 -6.81
CA GLU B 254 -26.74 -25.03 -7.19
C GLU B 254 -25.82 -26.21 -7.51
N LYS B 255 -25.85 -27.24 -6.66
CA LYS B 255 -24.88 -28.32 -6.76
C LYS B 255 -25.11 -29.15 -8.02
N GLY B 256 -26.34 -29.64 -8.21
CA GLY B 256 -26.62 -30.58 -9.28
C GLY B 256 -26.66 -30.00 -10.67
N LYS B 257 -26.50 -28.68 -10.80
CA LYS B 257 -26.48 -28.06 -12.11
C LYS B 257 -25.12 -28.17 -12.79
N TRP B 258 -24.06 -28.46 -12.02
CA TRP B 258 -22.71 -28.40 -12.53
C TRP B 258 -21.97 -29.69 -12.23
N SER B 259 -21.02 -30.02 -13.10
CA SER B 259 -20.26 -31.25 -12.94
C SER B 259 -19.30 -31.16 -11.75
N ALA B 260 -18.90 -32.33 -11.26
CA ALA B 260 -17.86 -32.37 -10.23
C ALA B 260 -16.57 -31.72 -10.73
N ALA B 261 -16.31 -31.78 -12.04
CA ALA B 261 -15.13 -31.11 -12.58
C ALA B 261 -15.22 -29.60 -12.40
N PHE B 262 -16.41 -29.03 -12.60
CA PHE B 262 -16.58 -27.60 -12.41
C PHE B 262 -16.47 -27.24 -10.94
N HIS B 263 -17.11 -28.02 -10.06
CA HIS B 263 -16.98 -27.80 -8.62
C HIS B 263 -15.53 -27.87 -8.18
N ASN B 264 -14.78 -28.87 -8.66
CA ASN B 264 -13.38 -28.97 -8.29
C ASN B 264 -12.57 -27.79 -8.81
N PHE B 265 -12.84 -27.36 -10.05
CA PHE B 265 -12.19 -26.17 -10.60
C PHE B 265 -12.37 -24.98 -9.67
N ILE B 266 -13.61 -24.73 -9.26
CA ILE B 266 -13.89 -23.64 -8.31
C ILE B 266 -13.13 -23.85 -7.02
N LYS B 267 -13.07 -25.09 -6.53
CA LYS B 267 -12.46 -25.36 -5.24
C LYS B 267 -10.96 -25.07 -5.27
N VAL B 268 -10.27 -25.44 -6.36
CA VAL B 268 -8.82 -25.27 -6.41
C VAL B 268 -8.43 -23.84 -6.76
N THR B 269 -9.20 -23.16 -7.62
CA THR B 269 -8.86 -21.76 -7.91
C THR B 269 -9.11 -20.87 -6.70
N LEU B 270 -10.10 -21.22 -5.89
CA LEU B 270 -10.43 -20.48 -4.68
C LEU B 270 -9.76 -21.08 -3.44
N THR B 271 -8.50 -21.50 -3.58
CA THR B 271 -7.72 -21.92 -2.42
C THR B 271 -7.32 -20.68 -1.61
N LYS B 272 -7.60 -20.70 -0.31
CA LYS B 272 -7.43 -19.48 0.49
C LYS B 272 -5.96 -19.09 0.60
N SER B 273 -5.09 -20.04 0.90
CA SER B 273 -3.67 -19.74 1.01
C SER B 273 -3.06 -19.55 -0.37
N PRO B 274 -2.41 -18.42 -0.65
CA PRO B 274 -1.70 -18.28 -1.93
C PRO B 274 -0.54 -19.25 -2.06
N LYS B 275 -0.03 -19.77 -0.95
CA LYS B 275 1.06 -20.75 -1.03
C LYS B 275 0.61 -22.04 -1.68
N LYS B 276 -0.69 -22.33 -1.67
CA LYS B 276 -1.22 -23.57 -2.22
C LYS B 276 -2.10 -23.35 -3.44
N ARG B 277 -2.33 -22.11 -3.84
CA ARG B 277 -3.16 -21.85 -5.01
C ARG B 277 -2.38 -22.17 -6.28
N PRO B 278 -2.91 -22.99 -7.17
CA PRO B 278 -2.15 -23.36 -8.37
C PRO B 278 -2.00 -22.20 -9.35
N SER B 279 -0.91 -22.25 -10.11
CA SER B 279 -0.59 -21.25 -11.10
C SER B 279 -1.51 -21.37 -12.31
N ALA B 280 -1.46 -20.36 -13.18
CA ALA B 280 -2.22 -20.40 -14.42
C ALA B 280 -1.83 -21.61 -15.26
N THR B 281 -0.53 -21.82 -15.45
CA THR B 281 -0.08 -22.94 -16.28
C THR B 281 -0.58 -24.26 -15.74
N LYS B 282 -0.53 -24.44 -14.41
CA LYS B 282 -1.04 -25.66 -13.81
C LYS B 282 -2.54 -25.80 -14.03
N MET B 283 -3.30 -24.71 -13.84
CA MET B 283 -4.74 -24.79 -14.03
C MET B 283 -5.10 -25.14 -15.47
N LEU B 284 -4.21 -24.86 -16.44
CA LEU B 284 -4.53 -25.15 -17.83
C LEU B 284 -4.56 -26.66 -18.09
N SER B 285 -3.97 -27.45 -17.18
CA SER B 285 -4.07 -28.90 -17.28
C SER B 285 -5.26 -29.45 -16.51
N HIS B 286 -6.05 -28.59 -15.88
CA HIS B 286 -7.26 -29.05 -15.22
C HIS B 286 -8.27 -29.53 -16.26
N GLN B 287 -8.98 -30.61 -15.92
CA GLN B 287 -9.80 -31.28 -16.92
C GLN B 287 -10.93 -30.40 -17.41
N LEU B 288 -11.39 -29.45 -16.59
CA LEU B 288 -12.49 -28.59 -17.03
C LEU B 288 -12.09 -27.70 -18.21
N VAL B 289 -10.82 -27.31 -18.28
CA VAL B 289 -10.37 -26.41 -19.35
C VAL B 289 -9.46 -27.10 -20.36
N SER B 290 -9.06 -28.35 -20.10
CA SER B 290 -8.27 -29.12 -21.06
C SER B 290 -9.10 -30.11 -21.86
N GLN B 291 -10.39 -30.21 -21.58
CA GLN B 291 -11.24 -31.17 -22.27
C GLN B 291 -11.38 -30.80 -23.75
N PRO B 292 -11.60 -31.79 -24.61
CA PRO B 292 -11.82 -31.48 -26.04
C PRO B 292 -13.18 -30.85 -26.27
N GLY B 293 -13.31 -30.23 -27.43
CA GLY B 293 -14.57 -29.65 -27.84
C GLY B 293 -14.84 -28.24 -27.37
N LEU B 294 -13.87 -27.58 -26.74
CA LEU B 294 -14.02 -26.19 -26.33
C LEU B 294 -13.57 -25.30 -27.50
N ASN B 295 -14.49 -24.54 -28.08
CA ASN B 295 -14.19 -23.70 -29.22
C ASN B 295 -15.07 -22.46 -29.18
N ARG B 296 -14.69 -21.44 -29.96
CA ARG B 296 -15.41 -20.18 -29.96
C ARG B 296 -16.85 -20.33 -30.40
N GLY B 297 -17.22 -21.47 -30.99
CA GLY B 297 -18.60 -21.67 -31.38
C GLY B 297 -19.54 -21.68 -30.20
N LEU B 298 -19.06 -22.15 -29.04
CA LEU B 298 -19.87 -22.06 -27.84
C LEU B 298 -20.26 -20.61 -27.53
N ILE B 299 -19.35 -19.68 -27.80
CA ILE B 299 -19.64 -18.28 -27.54
C ILE B 299 -20.47 -17.67 -28.67
N LEU B 300 -20.29 -18.14 -29.92
CA LEU B 300 -21.16 -17.73 -31.00
C LEU B 300 -22.62 -18.07 -30.67
N ASP B 301 -22.85 -19.23 -30.03
CA ASP B 301 -24.19 -19.55 -29.53
C ASP B 301 -24.68 -18.51 -28.54
N LEU B 302 -23.83 -18.13 -27.59
CA LEU B 302 -24.22 -17.10 -26.64
C LEU B 302 -24.58 -15.80 -27.35
N LEU B 303 -23.71 -15.36 -28.27
CA LEU B 303 -24.00 -14.16 -29.03
C LEU B 303 -25.29 -14.28 -29.83
N ASP B 304 -25.74 -15.50 -30.11
CA ASP B 304 -27.01 -15.69 -30.81
C ASP B 304 -28.20 -15.44 -29.88
N LYS B 305 -28.09 -15.87 -28.62
CA LYS B 305 -29.10 -15.49 -27.64
C LYS B 305 -29.26 -13.98 -27.56
N LEU B 306 -28.13 -13.27 -27.53
CA LEU B 306 -28.16 -11.80 -27.56
C LEU B 306 -28.97 -11.29 -28.74
N LYS B 307 -28.72 -11.85 -29.93
CA LYS B 307 -29.32 -11.34 -31.15
C LYS B 307 -30.83 -11.46 -31.16
N ASN B 308 -31.41 -12.27 -30.27
CA ASN B 308 -32.85 -12.49 -30.23
C ASN B 308 -33.47 -11.90 -28.96
N GLY B 309 -33.03 -10.70 -28.58
CA GLY B 309 -33.58 -10.01 -27.43
C GLY B 309 -33.50 -10.81 -26.14
O1 MES C . -1.65 -7.42 6.63
C2 MES C . -1.34 -7.36 8.03
C3 MES C . -0.17 -8.29 8.36
N4 MES C . -0.60 -9.63 7.98
C5 MES C . -0.97 -9.77 6.57
C6 MES C . -2.02 -8.73 6.21
C7 MES C . 0.26 -10.72 8.41
C8 MES C . 0.12 -10.88 9.92
S MES C . 1.31 -11.91 10.50
O1S MES C . 1.54 -13.00 9.52
O2S MES C . 0.87 -12.48 11.79
O3S MES C . 2.55 -11.14 10.71
H21 MES C . -2.22 -7.65 8.62
H22 MES C . -1.08 -6.32 8.31
H31 MES C . 0.72 -8.00 7.78
H32 MES C . 0.09 -8.24 9.42
HN4 MES C . -1.44 -9.74 8.53
H51 MES C . -1.34 -10.77 6.38
H52 MES C . -0.08 -9.62 5.94
H61 MES C . -2.97 -9.01 6.69
H62 MES C . -2.19 -8.74 5.13
H71 MES C . -0.03 -11.65 7.91
H72 MES C . 1.30 -10.52 8.16
H81 MES C . -0.87 -11.28 10.17
H82 MES C . 0.21 -9.90 10.41
C1 EDO D . -11.91 -7.13 -9.53
O1 EDO D . -11.19 -8.35 -9.81
C2 EDO D . -11.66 -6.69 -8.07
O2 EDO D . -12.51 -7.43 -7.16
H11 EDO D . -12.97 -7.28 -9.69
H12 EDO D . -11.57 -6.34 -10.21
HO1 EDO D . -11.35 -8.61 -10.73
H21 EDO D . -11.87 -5.62 -7.97
H22 EDO D . -10.61 -6.85 -7.81
HO2 EDO D . -12.27 -7.23 -6.25
C1 EDO E . 7.39 12.75 8.26
O1 EDO E . 8.57 12.12 8.78
C2 EDO E . 7.50 12.90 6.74
O2 EDO E . 7.85 14.27 6.42
H11 EDO E . 7.26 13.72 8.73
H12 EDO E . 6.51 12.14 8.50
HO1 EDO E . 8.48 12.02 9.73
H21 EDO E . 6.55 12.65 6.28
H22 EDO E . 8.26 12.23 6.36
HO2 EDO E . 7.92 14.36 5.46
C1 EDO F . 18.87 17.26 13.56
O1 EDO F . 18.75 18.21 14.64
C2 EDO F . 20.27 16.66 13.59
O2 EDO F . 20.61 16.21 12.26
H11 EDO F . 18.12 16.47 13.68
H12 EDO F . 18.69 17.75 12.60
HO1 EDO F . 17.84 18.52 14.68
H21 EDO F . 20.99 17.40 13.92
H22 EDO F . 20.30 15.82 14.28
HO2 EDO F . 21.50 15.84 12.26
S DMS G . 4.20 15.79 15.49
O DMS G . 3.89 14.65 14.57
C1 DMS G . 4.61 15.11 17.11
C2 DMS G . 5.83 16.48 15.05
H11 DMS G . 4.18 14.15 17.22
H12 DMS G . 4.23 15.76 17.87
H13 DMS G . 5.66 15.05 17.22
H21 DMS G . 6.06 17.28 15.71
H22 DMS G . 6.56 15.72 15.13
H23 DMS G . 5.80 16.85 14.06
S DMS H . 8.72 16.10 8.06
O DMS H . 7.95 17.24 8.64
C1 DMS H . 9.98 16.74 6.93
C2 DMS H . 9.80 15.39 9.34
H11 DMS H . 10.58 17.46 7.42
H12 DMS H . 9.50 17.20 6.10
H13 DMS H . 10.59 15.95 6.58
H21 DMS H . 9.21 14.98 10.12
H22 DMS H . 10.40 14.64 8.92
H23 DMS H . 10.42 16.15 9.74
C2 A1APR I . 10.74 16.16 15.29
C3 A1APR I . 9.98 17.28 15.63
C4 A1APR I . 9.02 17.72 14.75
N5 A1APR I . 8.80 17.11 13.57
C6 A1APR I . 9.53 16.02 13.22
C11 A1APR I . 11.52 19.26 18.44
C15 A1APR I . 10.54 19.97 20.52
C1 A1APR I . 11.80 15.64 16.25
C10 A1APR I . 11.38 18.58 17.23
C12 A1APR I . 12.74 19.84 18.83
C13 A1APR I . 12.81 20.48 20.06
C16 A1APR I . 10.44 19.33 19.30
C17 A1APR I . 9.23 18.76 18.97
C18 A1APR I . 9.08 18.09 17.76
C22 A1APR I . 15.31 21.04 19.91
C23 A1APR I . 16.53 21.22 20.54
C24 A1APR I . 17.54 21.04 19.59
C27 A1APR I . 17.74 20.50 17.16
C28 A1APR I . 18.53 21.65 16.84
C31 A1APR I . 19.94 21.13 18.82
C32 A1APR I . 18.96 21.13 19.88
C33 A1APR I . 20.39 23.09 17.39
C7 A1APR I . 10.51 15.52 14.07
C9 A1APR I . 10.16 17.99 16.89
F19 A1APR I . 7.89 17.53 17.43
N14 A1APR I . 11.71 20.55 20.88
N20 A1APR I . 8.14 18.87 19.90
N21 A1APR I . 14.02 21.14 20.54
N25 A1APR I . 16.97 20.72 18.36
N26 A1APR I . 15.67 20.72 18.47
N30 A1APR I . 19.57 21.92 17.68
N8 A1APR I . 11.27 14.34 13.66
O29 A1APR I . 18.27 22.38 15.86
H41 A1APR I . 8.42 18.59 15.02
H61 A1APR I . 9.36 15.54 12.26
H151 A1APR I . 9.68 20.01 21.19
H11 A1APR I . 11.36 15.53 17.24
H13 A1APR I . 12.62 16.34 16.29
H12 A1APR I . 12.16 14.68 15.90
H101 A1APR I . 12.22 18.53 16.55
H121 A1APR I . 13.60 19.78 18.17
H231 A1APR I . 16.67 21.46 21.59
H271 A1APR I . 17.07 20.29 16.33
H272 A1APR I . 18.39 19.64 17.30
H312 A1APR I . 20.03 20.11 18.47
H311 A1APR I . 20.85 21.55 19.23
H322 A1APR I . 19.10 22.05 20.43
H321 A1APR I . 19.20 20.29 20.52
H331 A1APR I . 20.39 23.27 16.32
H333 A1APR I . 21.41 22.90 17.73
H332 A1APR I . 19.99 23.95 17.90
H201 A1APR I . 7.87 19.77 20.26
H202 A1APR I . 7.63 18.06 20.20
H211 A1APR I . 13.94 21.71 21.36
H81 A1APR I . 11.75 14.34 12.79
H82 A1APR I . 11.32 13.54 14.27
NA NA J . 13.87 21.14 10.88
O1 MES K . 5.45 -9.86 -0.79
C2 MES K . 5.14 -10.17 0.56
C3 MES K . 5.25 -11.66 0.85
N4 MES K . 4.60 -12.47 -0.20
C5 MES K . 5.11 -12.18 -1.52
C6 MES K . 4.77 -10.70 -1.75
C7 MES K . 4.54 -13.85 0.23
C8 MES K . 3.96 -14.71 -0.89
S MES K . 3.59 -16.22 -0.33
O1S MES K . 2.14 -16.31 -0.06
O2S MES K . 4.33 -16.50 0.91
O3S MES K . 3.94 -17.22 -1.37
H21 MES K . 4.12 -9.83 0.79
H22 MES K . 5.83 -9.63 1.22
H31 MES K . 6.29 -11.94 0.92
H32 MES K . 4.77 -11.88 1.81
HN4 MES K . 3.63 -12.20 -0.33
H51 MES K . 6.18 -12.35 -1.57
H52 MES K . 4.63 -12.81 -2.27
H61 MES K . 3.68 -10.55 -1.65
H62 MES K . 5.05 -10.40 -2.76
H71 MES K . 5.54 -14.21 0.48
H72 MES K . 3.92 -13.95 1.13
H81 MES K . 3.07 -14.22 -1.29
H82 MES K . 4.69 -14.78 -1.70
O1 MES L . 0.89 4.82 -39.11
C2 MES L . 1.37 4.47 -37.82
C3 MES L . 1.42 5.71 -36.91
N4 MES L . 2.28 6.69 -37.57
C5 MES L . 1.90 7.04 -38.93
C6 MES L . 1.78 5.74 -39.73
C7 MES L . 2.51 7.88 -36.73
C8 MES L . 4.02 8.06 -36.59
S MES L . 4.39 9.59 -36.02
O1S MES L . 3.17 10.28 -35.56
O2S MES L . 5.02 10.37 -37.09
O3S MES L . 5.33 9.48 -34.88
H21 MES L . 0.71 3.71 -37.37
H22 MES L . 2.36 4.03 -37.90
H31 MES L . 1.83 5.45 -35.93
H32 MES L . 0.42 6.11 -36.77
HN4 MES L . 3.17 6.22 -37.67
H51 MES L . 2.64 7.69 -39.38
H52 MES L . 0.94 7.56 -38.93
H61 MES L . 2.77 5.28 -39.83
H62 MES L . 1.42 5.98 -40.74
H71 MES L . 2.05 7.73 -35.75
H72 MES L . 2.06 8.75 -37.19
H81 MES L . 4.42 7.31 -35.90
H82 MES L . 4.50 7.91 -37.56
C1 PEG M . -19.59 -26.88 -30.54
O1 PEG M . -18.41 -27.42 -31.14
C2 PEG M . -20.11 -25.71 -31.32
O2 PEG M . -21.05 -24.99 -30.55
C3 PEG M . -22.26 -25.69 -30.35
C4 PEG M . -23.09 -25.68 -31.60
O4 PEG M . -24.40 -26.18 -31.37
H11 PEG M . -20.27 -27.57 -30.51
H12 PEG M . -19.37 -26.59 -29.65
HO1 PEG M . -18.15 -28.15 -30.78
H21 PEG M . -20.53 -26.04 -32.14
H22 PEG M . -19.37 -25.13 -31.56
H31 PEG M . -22.77 -25.27 -29.63
H32 PEG M . -22.06 -26.61 -30.10
H41 PEG M . -22.66 -26.23 -32.27
H42 PEG M . -23.15 -24.76 -31.93
HO4 PEG M . -24.92 -26.11 -32.04
C1 EDO N . -5.80 -1.17 -37.69
O1 EDO N . -5.57 0.22 -37.43
C2 EDO N . -4.81 -2.01 -36.89
O2 EDO N . -3.63 -1.23 -36.65
H11 EDO N . -5.69 -1.38 -38.76
H12 EDO N . -6.82 -1.44 -37.40
HO1 EDO N . -6.19 0.75 -37.95
H21 EDO N . -5.25 -2.30 -35.94
H22 EDO N . -4.55 -2.92 -37.44
HO2 EDO N . -2.99 -1.74 -36.14
C1 EDO O . -7.47 -17.68 -30.42
O1 EDO O . -8.37 -16.76 -29.79
C2 EDO O . -7.24 -17.26 -31.87
O2 EDO O . -6.98 -15.84 -31.93
H11 EDO O . -7.89 -18.68 -30.40
H12 EDO O . -6.52 -17.70 -29.89
HO1 EDO O . -8.51 -17.03 -28.87
H21 EDO O . -8.12 -17.50 -32.47
H22 EDO O . -6.39 -17.80 -32.29
HO2 EDO O . -6.85 -15.58 -32.85
S DMS P . -22.61 -8.26 -11.42
O DMS P . -21.82 -9.44 -11.92
C1 DMS P . -21.55 -6.78 -11.42
C2 DMS P . -23.82 -7.78 -12.68
H11 DMS P . -20.69 -6.96 -10.83
H12 DMS P . -22.09 -5.97 -11.03
H13 DMS P . -21.25 -6.57 -12.42
H21 DMS P . -24.54 -8.56 -12.79
H22 DMS P . -24.31 -6.89 -12.38
H23 DMS P . -23.33 -7.62 -13.59
C5 A1APQ Q . -14.62 -2.15 -25.48
C6 A1APQ Q . -13.32 -2.42 -25.93
C3 A1APQ Q . -15.97 -2.39 -26.21
C1 A1APQ Q . -17.35 -3.19 -28.17
C10 A1APQ Q . -15.56 -1.09 -23.26
C11 A1APQ Q . -15.42 -0.04 -22.47
C12 A1APQ Q . -14.60 -0.39 -21.53
C13 A1APQ Q . -15.23 -1.66 -21.94
C14 A1APQ Q . -13.14 -0.58 -21.73
C15 A1APQ Q . -12.58 -1.09 -22.83
C16 A1APQ Q . -11.18 -1.21 -22.93
C17 A1APQ Q . -10.40 -0.78 -21.86
C18 A1APQ Q . -10.98 -0.24 -20.73
C19 A1APQ Q . -12.36 -0.14 -20.66
C20 A1APQ Q . -8.88 -0.87 -21.91
C21 A1APQ Q . -7.69 -0.97 -21.95
C22 A1APQ Q . -6.18 -1.24 -22.01
C23 A1APQ Q . -5.44 -0.15 -23.12
C24 A1APQ Q . -5.19 -0.78 -24.21
C26 A1APQ Q . -6.02 -2.45 -22.45
C28 A1APQ Q . -5.01 -3.44 -24.80
C30 A1APQ Q . -12.89 -3.02 -27.28
C8 A1APQ Q . -13.20 -1.53 -23.96
N2 A1APQ Q . -16.04 -2.99 -27.52
N25 A1APQ Q . -5.37 -2.34 -23.91
N32 A1APQ Q . -11.46 -3.21 -27.56
N7 A1APQ Q . -12.49 -2.03 -24.96
N9 A1APQ Q . -14.50 -1.61 -24.27
O27 A1APQ Q . -6.32 -3.45 -21.90
O29 A1APQ Q . -5.59 -1.12 -20.72
O31 A1APQ Q . -13.68 -3.33 -28.10
O4 A1APQ Q . -16.99 -2.06 -25.72
H12 A1APQ Q . -17.22 -3.27 -29.25
H11 A1APQ Q . -18.00 -2.33 -27.95
H13 A1APQ Q . -17.81 -4.10 -27.80
H101 A1APQ Q . -16.60 -1.30 -23.54
H112 A1APQ Q . -16.39 0.24 -22.04
H111 A1APQ Q . -15.02 0.81 -23.02
H121 A1APQ Q . -14.91 -0.09 -20.54
H131 A1APQ Q . -16.11 -1.88 -21.35
H132 A1APQ Q . -14.49 -2.46 -22.02
H161 A1APQ Q . -10.71 -1.64 -23.81
H181 A1APQ Q . -10.36 0.10 -19.91
H191 A1APQ Q . -12.83 0.28 -19.77
H232 A1APQ Q . -6.11 0.68 -23.33
H231 A1APQ Q . -4.50 0.22 -22.68
H241 A1APQ Q . -4.15 -0.59 -24.51
H242 A1APQ Q . -5.88 -0.47 -24.99
H283 A1APQ Q . -4.39 -3.08 -25.61
H282 A1APQ Q . -5.92 -3.89 -25.22
H281 A1APQ Q . -4.47 -4.20 -24.24
H21 A1APQ Q . -15.20 -3.28 -27.99
H322 A1APQ Q . -10.78 -2.95 -26.86
H321 A1APQ Q . -11.16 -3.61 -28.43
H291 A1APQ Q . -5.87 -0.31 -20.33
#